data_8B5O
#
_entry.id   8B5O
#
_cell.length_a   90.699
_cell.length_b   60.766
_cell.length_c   104.777
_cell.angle_alpha   90.000
_cell.angle_beta   105.490
_cell.angle_gamma   90.000
#
_symmetry.space_group_name_H-M   'P 1 21 1'
#
loop_
_entity.id
_entity.type
_entity.pdbx_description
1 polymer 'Haloalkane dehalogenase DhaA'
2 non-polymer GLYCEROL
3 non-polymer 'FORMIC ACID'
4 non-polymer 'ACETATE ION'
5 water water
#
_entity_poly.entity_id   1
_entity_poly.type   'polypeptide(L)'
_entity_poly.pdbx_seq_one_letter_code
;MKRVDVLDSAMSYIDVGQGDPIVFLHGNPTSSYLWRNVIPHLSDVGRCLAPDLIGMGASGTSPTFSYRFADHVRYLDAWF
EAVGITENVVLVVHDWGSALGFYRALRYPEQIAGIAYMDALVQPRTWAGFTDYEPLMRALRTEQGERMALAENVFVEKVV
PGGVQRQLTEEEMAVYRTPYPTPQSRIPTLLWAREIPVEGEPADVQAMVQEYADFLSRSDIPKLLIVAEPGAILHEGGSE
LDFARSWPNQREVKVAGRHFLQEDSPDAIGAAVRAFVLDVRERQDGADRAHHHHHH
;
_entity_poly.pdbx_strand_id   A,B,C,D
#
# COMPACT_ATOMS: atom_id res chain seq x y z
N MET A 1 29.20 11.12 12.62
CA MET A 1 29.25 9.68 12.34
C MET A 1 30.59 9.27 11.78
N LYS A 2 31.01 8.08 12.14
CA LYS A 2 32.13 7.41 11.50
C LYS A 2 31.61 6.50 10.39
N ARG A 3 32.54 5.95 9.62
CA ARG A 3 32.16 5.05 8.52
C ARG A 3 33.28 4.05 8.37
N VAL A 4 32.93 2.79 8.15
CA VAL A 4 33.91 1.73 7.94
C VAL A 4 33.47 0.84 6.74
N ASP A 5 34.44 0.45 5.92
CA ASP A 5 34.12 -0.46 4.83
C ASP A 5 33.70 -1.80 5.41
N VAL A 6 32.66 -2.40 4.82
CA VAL A 6 32.20 -3.70 5.27
C VAL A 6 31.85 -4.50 4.02
N LEU A 7 32.54 -5.61 3.82
CA LEU A 7 32.33 -6.38 2.59
C LEU A 7 32.40 -5.44 1.39
N ASP A 8 31.36 -5.42 0.53
CA ASP A 8 31.41 -4.57 -0.66
C ASP A 8 30.69 -3.24 -0.47
N SER A 9 30.47 -2.81 0.77
CA SER A 9 29.77 -1.56 1.00
C SER A 9 30.46 -0.86 2.16
N ALA A 10 29.78 0.10 2.73
CA ALA A 10 30.36 0.85 3.84
C ALA A 10 29.23 1.27 4.78
N MET A 11 29.49 1.16 6.09
CA MET A 11 28.50 1.30 7.14
C MET A 11 28.86 2.51 7.98
N SER A 12 27.99 3.51 7.98
CA SER A 12 28.14 4.64 8.89
C SER A 12 27.60 4.27 10.26
N TYR A 13 28.12 4.94 11.29
CA TYR A 13 27.72 4.60 12.64
C TYR A 13 28.02 5.73 13.62
N ILE A 14 27.11 5.93 14.57
CA ILE A 14 27.40 6.75 15.75
C ILE A 14 28.43 6.07 16.64
N ASP A 15 29.36 6.85 17.20
CA ASP A 15 30.36 6.33 18.14
C ASP A 15 30.67 7.45 19.11
N VAL A 16 30.06 7.39 20.30
N VAL A 16 30.06 7.39 20.31
CA VAL A 16 30.22 8.45 21.30
CA VAL A 16 30.18 8.45 21.31
C VAL A 16 30.34 7.82 22.68
C VAL A 16 30.33 7.82 22.69
N GLY A 17 31.22 8.34 23.51
CA GLY A 17 31.40 7.83 24.85
C GLY A 17 32.57 6.85 24.97
N GLN A 18 32.93 6.55 26.22
CA GLN A 18 34.05 5.67 26.53
C GLN A 18 33.60 4.48 27.36
N GLY A 19 34.41 3.43 27.33
CA GLY A 19 34.18 2.24 28.15
C GLY A 19 33.66 1.07 27.33
N ASP A 20 33.06 0.11 28.03
CA ASP A 20 32.57 -1.08 27.34
C ASP A 20 31.46 -0.72 26.36
N PRO A 21 31.35 -1.45 25.25
CA PRO A 21 30.41 -1.07 24.19
C PRO A 21 28.94 -1.27 24.55
N ILE A 22 28.12 -0.32 24.11
CA ILE A 22 26.65 -0.40 24.08
C ILE A 22 26.25 -0.21 22.63
N VAL A 23 25.66 -1.23 22.03
CA VAL A 23 25.41 -1.22 20.59
C VAL A 23 23.92 -1.14 20.35
N PHE A 24 23.48 -0.07 19.69
CA PHE A 24 22.08 0.22 19.41
C PHE A 24 21.75 -0.19 17.98
N LEU A 25 20.80 -1.13 17.78
CA LEU A 25 20.46 -1.65 16.45
C LEU A 25 18.99 -1.35 16.11
N HIS A 26 18.79 -0.54 15.08
CA HIS A 26 17.50 -0.13 14.56
C HIS A 26 16.94 -1.18 13.58
N GLY A 27 15.72 -0.99 13.13
CA GLY A 27 15.07 -1.88 12.19
C GLY A 27 14.45 -1.07 11.05
N ASN A 28 13.29 -1.53 10.60
CA ASN A 28 12.76 -1.01 9.34
C ASN A 28 11.70 0.04 9.61
N PRO A 29 11.69 1.20 8.94
CA PRO A 29 12.62 1.68 7.92
C PRO A 29 13.51 2.79 8.49
N THR A 30 14.09 2.55 9.67
CA THR A 30 14.71 3.63 10.43
C THR A 30 16.23 3.62 10.29
N SER A 31 16.93 4.13 11.30
CA SER A 31 18.38 4.25 11.27
C SER A 31 18.79 4.60 12.69
N SER A 32 20.09 4.90 12.88
CA SER A 32 20.55 5.33 14.21
C SER A 32 19.84 6.58 14.68
N TYR A 33 19.20 7.32 13.77
CA TYR A 33 18.45 8.52 14.14
C TYR A 33 17.37 8.19 15.15
N LEU A 34 16.82 6.97 15.05
CA LEU A 34 15.79 6.53 15.99
C LEU A 34 16.29 6.51 17.43
N TRP A 35 17.60 6.38 17.65
CA TRP A 35 18.15 6.33 18.99
C TRP A 35 18.67 7.66 19.50
N ARG A 36 18.49 8.75 18.77
CA ARG A 36 19.22 9.99 19.06
C ARG A 36 18.92 10.56 20.43
N ASN A 37 17.71 10.33 20.96
CA ASN A 37 17.30 10.85 22.24
C ASN A 37 17.42 9.82 23.36
N VAL A 38 17.75 8.58 23.01
CA VAL A 38 18.08 7.55 24.00
C VAL A 38 19.57 7.56 24.34
N ILE A 39 20.44 7.63 23.34
CA ILE A 39 21.89 7.56 23.52
C ILE A 39 22.46 8.57 24.52
N PRO A 40 21.99 9.83 24.57
CA PRO A 40 22.52 10.75 25.58
C PRO A 40 22.29 10.25 27.01
N HIS A 41 21.34 9.35 27.25
CA HIS A 41 21.21 8.75 28.59
C HIS A 41 22.27 7.70 28.88
N LEU A 42 23.07 7.35 27.87
CA LEU A 42 24.08 6.30 28.00
C LEU A 42 25.49 6.74 27.71
N SER A 43 25.71 7.87 27.01
CA SER A 43 27.06 8.11 26.51
C SER A 43 28.06 8.51 27.58
N ASP A 44 27.63 8.78 28.81
CA ASP A 44 28.57 8.97 29.92
C ASP A 44 28.79 7.69 30.73
N VAL A 45 28.18 6.56 30.35
CA VAL A 45 28.38 5.30 31.09
C VAL A 45 28.84 4.17 30.19
N GLY A 46 29.13 4.48 28.94
CA GLY A 46 29.63 3.45 28.06
C GLY A 46 29.90 4.07 26.72
N ARG A 47 30.54 3.27 25.88
CA ARG A 47 30.79 3.65 24.49
C ARG A 47 29.59 3.25 23.62
N CYS A 48 28.80 4.23 23.20
CA CYS A 48 27.56 4.04 22.47
C CYS A 48 27.87 4.02 20.98
N LEU A 49 27.56 2.89 20.34
CA LEU A 49 27.74 2.66 18.92
C LEU A 49 26.38 2.38 18.31
N ALA A 50 26.04 3.05 17.22
CA ALA A 50 24.75 2.85 16.57
C ALA A 50 24.96 2.89 15.09
N PRO A 51 25.04 1.72 14.46
CA PRO A 51 25.25 1.68 13.01
C PRO A 51 23.95 1.83 12.23
N ASP A 52 24.07 2.37 11.02
CA ASP A 52 22.99 2.36 10.05
C ASP A 52 23.16 1.14 9.17
N LEU A 53 22.14 0.27 9.11
CA LEU A 53 22.28 -0.91 8.28
C LEU A 53 22.46 -0.53 6.81
N ILE A 54 23.11 -1.45 6.07
CA ILE A 54 23.40 -1.19 4.67
C ILE A 54 22.09 -0.96 3.91
N GLY A 55 22.09 0.03 3.03
CA GLY A 55 20.88 0.41 2.31
C GLY A 55 20.01 1.39 3.05
N MET A 56 20.40 1.74 4.29
CA MET A 56 19.55 2.49 5.19
C MET A 56 20.31 3.67 5.78
N GLY A 57 19.56 4.66 6.26
CA GLY A 57 20.18 5.81 6.93
C GLY A 57 21.22 6.44 6.04
N ALA A 58 22.37 6.68 6.64
CA ALA A 58 23.50 7.31 5.91
C ALA A 58 24.49 6.28 5.37
N SER A 59 24.18 4.98 5.46
CA SER A 59 25.18 4.02 5.04
C SER A 59 25.18 3.88 3.50
N GLY A 60 26.24 3.29 3.02
CA GLY A 60 26.31 2.81 1.64
C GLY A 60 25.23 1.79 1.35
N THR A 61 25.09 1.48 0.06
CA THR A 61 24.12 0.50 -0.40
C THR A 61 24.80 -0.78 -0.83
N SER A 62 23.99 -1.81 -1.09
CA SER A 62 24.55 -3.08 -1.56
C SER A 62 24.65 -3.04 -3.06
N PRO A 63 25.86 -3.13 -3.65
CA PRO A 63 25.97 -3.03 -5.11
C PRO A 63 25.29 -4.16 -5.83
N THR A 64 25.06 -5.29 -5.16
CA THR A 64 24.31 -6.39 -5.77
C THR A 64 22.86 -6.42 -5.31
N PHE A 65 22.37 -5.38 -4.61
CA PHE A 65 20.98 -5.32 -4.08
C PHE A 65 20.66 -6.57 -3.27
N SER A 66 21.62 -6.96 -2.43
CA SER A 66 21.51 -8.13 -1.55
C SER A 66 21.04 -7.66 -0.19
N TYR A 67 19.73 -7.80 0.07
CA TYR A 67 19.08 -7.15 1.20
C TYR A 67 18.25 -8.16 1.98
N ARG A 68 18.51 -9.45 1.81
CA ARG A 68 17.84 -10.42 2.70
C ARG A 68 18.43 -10.33 4.11
N PHE A 69 17.68 -10.88 5.09
CA PHE A 69 18.16 -10.88 6.48
C PHE A 69 19.59 -11.43 6.58
N ALA A 70 19.86 -12.52 5.86
CA ALA A 70 21.20 -13.11 5.87
C ALA A 70 22.29 -12.17 5.35
N ASP A 71 21.95 -11.33 4.38
CA ASP A 71 22.92 -10.35 3.86
C ASP A 71 23.23 -9.32 4.94
N HIS A 72 22.18 -8.82 5.59
CA HIS A 72 22.43 -7.86 6.68
C HIS A 72 23.21 -8.51 7.83
N VAL A 73 22.98 -9.80 8.11
CA VAL A 73 23.79 -10.49 9.13
C VAL A 73 25.26 -10.38 8.74
N ARG A 74 25.56 -10.67 7.47
CA ARG A 74 26.96 -10.65 7.01
C ARG A 74 27.56 -9.26 7.04
N TYR A 75 26.80 -8.25 6.60
CA TYR A 75 27.32 -6.87 6.63
C TYR A 75 27.56 -6.43 8.07
N LEU A 76 26.61 -6.71 8.97
CA LEU A 76 26.76 -6.23 10.34
C LEU A 76 27.85 -7.02 11.08
N ASP A 77 28.03 -8.29 10.73
CA ASP A 77 29.13 -9.06 11.29
C ASP A 77 30.46 -8.42 10.93
N ALA A 78 30.60 -8.02 9.65
CA ALA A 78 31.84 -7.37 9.23
C ALA A 78 32.04 -6.08 9.99
N TRP A 79 30.94 -5.38 10.28
CA TRP A 79 31.04 -4.18 11.13
C TRP A 79 31.54 -4.51 12.53
N PHE A 80 30.94 -5.50 13.22
CA PHE A 80 31.42 -5.89 14.54
C PHE A 80 32.91 -6.19 14.51
N GLU A 81 33.36 -6.89 13.44
CA GLU A 81 34.77 -7.29 13.42
C GLU A 81 35.69 -6.13 13.07
N ALA A 82 35.29 -5.28 12.13
CA ALA A 82 36.14 -4.16 11.73
C ALA A 82 36.29 -3.13 12.86
N VAL A 83 35.20 -2.85 13.58
CA VAL A 83 35.26 -1.87 14.66
C VAL A 83 35.77 -2.50 15.94
N GLY A 84 35.77 -3.83 16.04
CA GLY A 84 36.37 -4.49 17.19
C GLY A 84 35.45 -4.61 18.37
N ILE A 85 34.15 -4.69 18.12
CA ILE A 85 33.12 -4.71 19.16
C ILE A 85 32.77 -6.18 19.41
N THR A 86 33.65 -6.89 20.13
CA THR A 86 33.52 -8.33 20.35
C THR A 86 33.67 -8.73 21.81
N GLU A 87 33.63 -7.79 22.74
CA GLU A 87 33.78 -8.11 24.16
C GLU A 87 32.85 -7.24 25.01
N ASN A 88 32.17 -7.87 25.98
CA ASN A 88 31.37 -7.12 26.95
C ASN A 88 30.33 -6.21 26.27
N VAL A 89 29.69 -6.71 25.22
CA VAL A 89 28.75 -5.87 24.46
C VAL A 89 27.38 -5.89 25.13
N VAL A 90 26.81 -4.73 25.41
CA VAL A 90 25.39 -4.66 25.74
C VAL A 90 24.66 -4.30 24.44
N LEU A 91 23.77 -5.16 24.00
CA LEU A 91 22.97 -4.82 22.84
C LEU A 91 21.67 -4.16 23.25
N VAL A 92 21.28 -3.14 22.50
CA VAL A 92 20.03 -2.41 22.70
C VAL A 92 19.31 -2.41 21.35
N VAL A 93 18.19 -3.15 21.24
CA VAL A 93 17.72 -3.57 19.92
C VAL A 93 16.19 -3.45 19.78
N HIS A 94 15.78 -3.24 18.54
CA HIS A 94 14.41 -2.94 18.15
C HIS A 94 14.10 -3.55 16.79
N ASP A 95 12.92 -4.16 16.65
CA ASP A 95 12.45 -4.57 15.28
C ASP A 95 13.52 -5.44 14.64
N TRP A 96 13.89 -5.22 13.36
CA TRP A 96 14.87 -6.12 12.76
C TRP A 96 16.25 -6.00 13.39
N GLY A 97 16.56 -4.86 14.04
CA GLY A 97 17.76 -4.80 14.85
C GLY A 97 17.81 -5.84 15.94
N SER A 98 16.63 -6.17 16.51
CA SER A 98 16.59 -7.25 17.49
C SER A 98 16.85 -8.63 16.87
N ALA A 99 16.34 -8.89 15.67
CA ALA A 99 16.69 -10.15 15.02
C ALA A 99 18.21 -10.20 14.74
N LEU A 100 18.80 -9.06 14.35
CA LEU A 100 20.23 -9.05 14.14
C LEU A 100 20.99 -9.22 15.45
N GLY A 101 20.54 -8.49 16.49
CA GLY A 101 21.23 -8.62 17.78
C GLY A 101 21.05 -10.00 18.38
N PHE A 102 19.82 -10.54 18.32
CA PHE A 102 19.60 -11.86 18.89
C PHE A 102 20.44 -12.91 18.14
N TYR A 103 20.58 -12.76 16.81
CA TYR A 103 21.28 -13.79 16.06
C TYR A 103 22.78 -13.71 16.32
N ARG A 104 23.26 -12.49 16.57
CA ARG A 104 24.64 -12.30 16.98
C ARG A 104 24.89 -12.97 18.33
N ALA A 105 23.95 -12.80 19.28
CA ALA A 105 24.12 -13.38 20.61
C ALA A 105 24.06 -14.90 20.56
N LEU A 106 23.28 -15.42 19.62
CA LEU A 106 23.20 -16.87 19.49
C LEU A 106 24.57 -17.43 19.09
N ARG A 107 25.26 -16.74 18.19
CA ARG A 107 26.47 -17.30 17.60
C ARG A 107 27.71 -16.97 18.41
N TYR A 108 27.69 -15.85 19.12
CA TYR A 108 28.83 -15.37 19.92
C TYR A 108 28.35 -14.95 21.29
N PRO A 109 27.68 -15.85 22.04
CA PRO A 109 27.20 -15.47 23.37
C PRO A 109 28.33 -15.02 24.31
N GLU A 110 29.57 -15.48 24.11
CA GLU A 110 30.66 -15.07 25.01
C GLU A 110 31.04 -13.62 24.84
N GLN A 111 30.53 -12.96 23.80
CA GLN A 111 30.79 -11.55 23.58
C GLN A 111 29.75 -10.63 24.19
N ILE A 112 28.65 -11.16 24.69
CA ILE A 112 27.46 -10.36 24.97
C ILE A 112 27.28 -10.29 26.50
N ALA A 113 27.40 -9.08 27.03
CA ALA A 113 27.20 -8.84 28.46
C ALA A 113 25.73 -8.73 28.84
N GLY A 114 24.88 -8.20 27.94
CA GLY A 114 23.46 -8.15 28.26
C GLY A 114 22.70 -7.67 27.05
N ILE A 115 21.38 -7.86 27.08
CA ILE A 115 20.54 -7.48 25.95
C ILE A 115 19.35 -6.72 26.45
N ALA A 116 19.17 -5.48 25.96
CA ALA A 116 17.94 -4.72 26.18
C ALA A 116 17.18 -4.68 24.89
N TYR A 117 15.93 -5.14 24.91
CA TYR A 117 15.18 -5.25 23.66
C TYR A 117 13.78 -4.69 23.84
N MET A 118 13.17 -4.34 22.72
CA MET A 118 11.88 -3.65 22.65
C MET A 118 11.27 -3.85 21.27
N ASP A 119 9.95 -4.00 21.24
CA ASP A 119 9.14 -4.40 20.11
C ASP A 119 9.96 -5.21 19.11
N ALA A 120 10.30 -6.40 19.56
CA ALA A 120 11.33 -7.25 19.01
C ALA A 120 10.75 -8.50 18.37
N LEU A 121 11.55 -9.07 17.48
CA LEU A 121 11.22 -10.37 16.86
C LEU A 121 11.79 -11.48 17.72
N VAL A 122 10.99 -11.99 18.67
CA VAL A 122 11.50 -12.91 19.67
C VAL A 122 11.28 -14.37 19.28
N GLN A 123 10.45 -14.63 18.30
CA GLN A 123 10.23 -15.96 17.73
C GLN A 123 9.56 -15.78 16.38
N PRO A 124 9.44 -16.85 15.57
CA PRO A 124 8.69 -16.73 14.32
C PRO A 124 7.25 -16.32 14.60
N ARG A 125 6.73 -15.46 13.73
CA ARG A 125 5.47 -14.78 13.96
C ARG A 125 4.32 -15.63 13.45
N THR A 126 3.11 -15.32 13.92
CA THR A 126 1.87 -15.84 13.34
C THR A 126 1.05 -14.66 12.85
N TRP A 127 0.12 -14.94 11.93
CA TRP A 127 -0.65 -13.82 11.38
C TRP A 127 -1.48 -13.10 12.44
N ALA A 128 -2.04 -13.84 13.41
CA ALA A 128 -2.83 -13.21 14.46
C ALA A 128 -2.04 -12.16 15.26
N GLY A 129 -0.77 -12.43 15.54
CA GLY A 129 0.04 -11.47 16.29
C GLY A 129 0.26 -10.15 15.58
N PHE A 130 0.01 -10.09 14.25
CA PHE A 130 0.14 -8.82 13.56
C PHE A 130 -0.97 -7.86 13.93
N THR A 131 -2.05 -8.38 14.56
CA THR A 131 -3.26 -7.60 14.82
C THR A 131 -3.58 -6.65 13.68
N ASP A 132 -3.66 -5.35 13.97
CA ASP A 132 -4.17 -4.43 12.95
C ASP A 132 -3.15 -4.12 11.86
N TYR A 133 -1.92 -4.64 11.96
CA TYR A 133 -0.97 -4.59 10.84
C TYR A 133 -1.14 -5.74 9.87
N GLU A 134 -2.00 -6.71 10.16
CA GLU A 134 -2.09 -7.87 9.26
C GLU A 134 -2.43 -7.53 7.81
N PRO A 135 -3.43 -6.66 7.51
CA PRO A 135 -3.71 -6.36 6.10
C PRO A 135 -2.49 -5.81 5.35
N LEU A 136 -1.90 -4.74 5.90
CA LEU A 136 -0.74 -4.15 5.24
C LEU A 136 0.33 -5.18 5.02
N MET A 137 0.68 -5.92 6.08
CA MET A 137 1.83 -6.81 5.96
C MET A 137 1.50 -7.98 5.04
N ARG A 138 0.25 -8.46 5.06
CA ARG A 138 -0.08 -9.49 4.09
C ARG A 138 0.08 -8.95 2.67
N ALA A 139 -0.36 -7.71 2.44
CA ALA A 139 -0.28 -7.18 1.09
C ALA A 139 1.16 -6.96 0.64
N LEU A 140 2.03 -6.56 1.56
CA LEU A 140 3.40 -6.31 1.15
C LEU A 140 4.08 -7.59 0.71
N ARG A 141 3.54 -8.72 1.15
CA ARG A 141 4.14 -9.99 0.85
C ARG A 141 3.49 -10.62 -0.38
N THR A 142 2.56 -9.89 -1.01
CA THR A 142 2.09 -10.24 -2.35
C THR A 142 2.72 -9.32 -3.38
N GLU A 143 2.31 -9.52 -4.64
CA GLU A 143 2.79 -8.68 -5.71
C GLU A 143 2.44 -7.22 -5.55
N GLN A 144 1.56 -6.86 -4.60
N GLN A 144 1.56 -6.86 -4.60
CA GLN A 144 1.27 -5.46 -4.36
CA GLN A 144 1.25 -5.46 -4.33
C GLN A 144 2.43 -4.73 -3.71
C GLN A 144 2.43 -4.72 -3.70
N GLY A 145 3.38 -5.49 -3.14
CA GLY A 145 4.42 -4.88 -2.32
C GLY A 145 5.33 -3.95 -3.09
N GLU A 146 5.64 -4.30 -4.33
CA GLU A 146 6.50 -3.40 -5.09
C GLU A 146 5.88 -2.02 -5.20
N ARG A 147 4.55 -1.98 -5.47
CA ARG A 147 3.91 -0.68 -5.59
C ARG A 147 3.87 0.03 -4.25
N MET A 148 3.54 -0.71 -3.19
CA MET A 148 3.30 -0.05 -1.92
C MET A 148 4.60 0.45 -1.34
N ALA A 149 5.63 -0.40 -1.38
CA ALA A 149 6.90 0.01 -0.73
C ALA A 149 7.76 0.82 -1.66
N LEU A 150 7.85 0.41 -2.92
CA LEU A 150 8.78 1.13 -3.79
C LEU A 150 8.15 2.36 -4.43
N ALA A 151 7.05 2.19 -5.17
CA ALA A 151 6.46 3.38 -5.78
C ALA A 151 5.91 4.36 -4.73
N GLU A 152 5.35 3.87 -3.63
CA GLU A 152 4.64 4.75 -2.70
C GLU A 152 5.34 4.96 -1.36
N ASN A 153 6.46 4.26 -1.12
CA ASN A 153 7.24 4.42 0.10
C ASN A 153 6.39 4.31 1.37
N VAL A 154 5.61 3.24 1.47
CA VAL A 154 4.61 3.15 2.55
C VAL A 154 5.27 3.07 3.93
N PHE A 155 6.41 2.41 4.06
CA PHE A 155 7.00 2.29 5.41
C PHE A 155 7.34 3.66 5.99
N VAL A 156 7.92 4.56 5.19
CA VAL A 156 8.24 5.88 5.73
C VAL A 156 7.02 6.77 5.83
N GLU A 157 6.18 6.77 4.77
CA GLU A 157 5.14 7.79 4.70
C GLU A 157 3.94 7.44 5.55
N LYS A 158 3.71 6.17 5.79
CA LYS A 158 2.57 5.77 6.57
C LYS A 158 2.96 4.98 7.80
N VAL A 159 3.91 4.05 7.69
CA VAL A 159 4.10 3.17 8.84
C VAL A 159 4.78 3.93 9.97
N VAL A 160 5.78 4.76 9.66
CA VAL A 160 6.49 5.47 10.72
C VAL A 160 5.52 6.39 11.48
N PRO A 161 4.79 7.29 10.81
CA PRO A 161 3.90 8.15 11.62
C PRO A 161 2.78 7.37 12.28
N GLY A 162 2.27 6.33 11.62
CA GLY A 162 1.30 5.45 12.24
C GLY A 162 1.82 4.76 13.51
N GLY A 163 3.13 4.61 13.65
CA GLY A 163 3.68 3.93 14.80
C GLY A 163 4.21 4.86 15.88
N VAL A 164 3.81 6.13 15.82
CA VAL A 164 4.22 7.12 16.82
C VAL A 164 2.94 7.76 17.37
N GLN A 165 2.85 7.88 18.69
CA GLN A 165 1.64 8.45 19.29
C GLN A 165 1.56 9.95 19.05
N ARG A 166 2.65 10.65 19.29
CA ARG A 166 2.76 12.08 19.06
C ARG A 166 2.82 12.36 17.56
N GLN A 167 2.79 13.64 17.22
CA GLN A 167 2.92 14.10 15.85
C GLN A 167 4.39 14.26 15.52
N LEU A 168 4.87 13.55 14.51
CA LEU A 168 6.23 13.78 14.08
C LEU A 168 6.32 15.14 13.40
N THR A 169 7.42 15.85 13.65
CA THR A 169 7.61 17.13 13.00
C THR A 169 7.98 16.94 11.55
N GLU A 170 7.84 18.02 10.77
CA GLU A 170 8.24 17.90 9.38
C GLU A 170 9.74 17.66 9.26
N GLU A 171 10.55 18.19 10.17
CA GLU A 171 11.99 17.93 10.08
C GLU A 171 12.31 16.45 10.32
N GLU A 172 11.59 15.84 11.25
CA GLU A 172 11.80 14.43 11.58
C GLU A 172 11.40 13.53 10.42
N MET A 173 10.25 13.81 9.80
CA MET A 173 9.88 13.07 8.59
C MET A 173 10.90 13.30 7.48
N ALA A 174 11.43 14.54 7.36
CA ALA A 174 12.41 14.79 6.32
C ALA A 174 13.63 13.91 6.52
N VAL A 175 14.03 13.74 7.78
CA VAL A 175 15.18 12.88 8.06
C VAL A 175 14.86 11.44 7.68
N TYR A 176 13.67 10.95 8.08
CA TYR A 176 13.39 9.54 7.85
C TYR A 176 13.28 9.24 6.36
N ARG A 177 12.85 10.23 5.56
CA ARG A 177 12.70 10.13 4.10
C ARG A 177 14.04 10.19 3.38
N THR A 178 15.03 10.82 4.00
CA THR A 178 16.28 11.13 3.31
C THR A 178 16.96 9.94 2.63
N PRO A 179 16.96 8.72 3.18
CA PRO A 179 17.62 7.60 2.48
C PRO A 179 16.85 7.06 1.28
N TYR A 180 15.62 7.52 1.09
CA TYR A 180 14.68 6.83 0.20
C TYR A 180 14.02 7.80 -0.79
N PRO A 181 14.84 8.57 -1.54
CA PRO A 181 14.26 9.54 -2.50
C PRO A 181 13.66 8.91 -3.73
N THR A 182 13.97 7.65 -4.05
CA THR A 182 13.50 7.04 -5.29
C THR A 182 12.95 5.65 -5.05
N PRO A 183 12.14 5.13 -5.98
CA PRO A 183 11.66 3.76 -5.77
C PRO A 183 12.80 2.75 -5.63
N GLN A 184 13.84 2.89 -6.44
CA GLN A 184 14.92 1.91 -6.44
C GLN A 184 15.82 2.02 -5.23
N SER A 185 15.64 3.03 -4.37
CA SER A 185 16.36 3.11 -3.11
C SER A 185 15.58 2.51 -1.95
N ARG A 186 14.35 2.04 -2.20
CA ARG A 186 13.49 1.59 -1.15
C ARG A 186 13.44 0.09 -1.06
N ILE A 187 14.20 -0.61 -1.88
CA ILE A 187 14.20 -2.07 -1.86
C ILE A 187 14.44 -2.65 -0.45
N PRO A 188 15.31 -2.08 0.42
CA PRO A 188 15.49 -2.71 1.73
C PRO A 188 14.21 -2.71 2.54
N THR A 189 13.37 -1.67 2.40
CA THR A 189 12.14 -1.63 3.21
C THR A 189 11.16 -2.73 2.80
N LEU A 190 11.07 -3.04 1.49
CA LEU A 190 10.24 -4.14 1.00
C LEU A 190 10.83 -5.49 1.41
N LEU A 191 12.14 -5.65 1.28
CA LEU A 191 12.76 -6.89 1.71
C LEU A 191 12.50 -7.14 3.19
N TRP A 192 12.64 -6.11 4.04
CA TRP A 192 12.38 -6.35 5.46
C TRP A 192 10.97 -6.88 5.71
N ALA A 193 9.96 -6.39 4.97
CA ALA A 193 8.61 -6.94 5.15
C ALA A 193 8.51 -8.39 4.70
N ARG A 194 9.19 -8.74 3.62
CA ARG A 194 9.11 -10.08 3.06
C ARG A 194 9.98 -11.11 3.78
N GLU A 195 10.96 -10.66 4.54
CA GLU A 195 11.83 -11.56 5.27
C GLU A 195 11.26 -11.97 6.62
N ILE A 196 10.22 -11.29 7.13
CA ILE A 196 9.64 -11.69 8.43
C ILE A 196 9.24 -13.16 8.36
N PRO A 197 9.72 -14.01 9.27
CA PRO A 197 9.23 -15.40 9.23
C PRO A 197 7.83 -15.47 9.81
N VAL A 198 6.87 -15.88 8.99
CA VAL A 198 5.47 -15.93 9.40
C VAL A 198 4.96 -17.33 9.05
N GLU A 199 4.69 -18.11 10.08
CA GLU A 199 4.12 -19.48 9.95
C GLU A 199 4.90 -20.34 8.95
N GLY A 200 6.25 -20.27 9.01
CA GLY A 200 7.12 -21.17 8.26
C GLY A 200 7.86 -20.56 7.09
N GLU A 201 7.44 -19.36 6.60
CA GLU A 201 8.03 -18.75 5.41
C GLU A 201 8.48 -17.33 5.65
N PRO A 202 9.66 -16.95 5.13
CA PRO A 202 10.61 -17.82 4.43
C PRO A 202 11.29 -18.79 5.40
N ALA A 203 11.49 -20.03 4.92
CA ALA A 203 11.92 -21.09 5.81
C ALA A 203 13.33 -20.88 6.34
N ASP A 204 14.21 -20.27 5.54
CA ASP A 204 15.58 -20.08 6.01
C ASP A 204 15.63 -19.06 7.17
N VAL A 205 14.90 -17.95 7.02
CA VAL A 205 14.80 -17.00 8.12
C VAL A 205 14.08 -17.63 9.29
N GLN A 206 13.06 -18.43 9.01
CA GLN A 206 12.34 -19.02 10.13
C GLN A 206 13.26 -19.88 10.99
N ALA A 207 14.14 -20.65 10.35
CA ALA A 207 15.07 -21.48 11.09
C ALA A 207 16.05 -20.63 11.90
N MET A 208 16.52 -19.53 11.32
CA MET A 208 17.46 -18.69 12.06
C MET A 208 16.78 -18.09 13.29
N VAL A 209 15.59 -17.51 13.10
CA VAL A 209 14.88 -16.93 14.23
C VAL A 209 14.49 -18.00 15.24
N GLN A 210 14.00 -19.16 14.78
CA GLN A 210 13.68 -20.20 15.77
C GLN A 210 14.91 -20.59 16.58
N GLU A 211 16.07 -20.63 15.94
CA GLU A 211 17.26 -21.07 16.65
C GLU A 211 17.61 -20.07 17.74
N TYR A 212 17.54 -18.78 17.42
CA TYR A 212 17.87 -17.85 18.50
C TYR A 212 16.77 -17.77 19.54
N ALA A 213 15.52 -18.04 19.17
CA ALA A 213 14.46 -18.05 20.17
C ALA A 213 14.66 -19.17 21.17
N ASP A 214 14.97 -20.37 20.66
CA ASP A 214 15.28 -21.48 21.56
C ASP A 214 16.44 -21.13 22.45
N PHE A 215 17.46 -20.49 21.88
CA PHE A 215 18.63 -20.18 22.67
C PHE A 215 18.31 -19.16 23.76
N LEU A 216 17.65 -18.06 23.41
CA LEU A 216 17.44 -16.98 24.38
C LEU A 216 16.47 -17.39 25.48
N SER A 217 15.51 -18.30 25.16
CA SER A 217 14.59 -18.81 26.17
C SER A 217 15.27 -19.73 27.17
N ARG A 218 16.55 -20.06 26.95
CA ARG A 218 17.34 -20.84 27.89
C ARG A 218 18.65 -20.17 28.30
N SER A 219 18.89 -18.92 27.89
CA SER A 219 20.16 -18.23 28.07
C SER A 219 20.14 -17.45 29.36
N ASP A 220 21.24 -17.54 30.11
CA ASP A 220 21.43 -16.73 31.31
C ASP A 220 22.03 -15.35 31.02
N ILE A 221 22.16 -14.98 29.75
CA ILE A 221 22.58 -13.58 29.48
C ILE A 221 21.55 -12.64 30.11
N PRO A 222 21.96 -11.65 30.90
CA PRO A 222 21.00 -10.71 31.51
C PRO A 222 20.24 -9.94 30.45
N LYS A 223 18.93 -9.75 30.69
CA LYS A 223 18.02 -9.18 29.73
C LYS A 223 17.11 -8.12 30.35
N LEU A 224 16.82 -7.11 29.54
CA LEU A 224 15.87 -6.05 29.88
C LEU A 224 14.86 -6.00 28.76
N LEU A 225 13.62 -6.32 29.09
CA LEU A 225 12.48 -6.22 28.18
C LEU A 225 11.77 -4.90 28.43
N ILE A 226 11.79 -4.02 27.45
CA ILE A 226 11.04 -2.79 27.53
C ILE A 226 9.77 -3.01 26.75
N VAL A 227 8.63 -3.01 27.46
CA VAL A 227 7.33 -3.19 26.86
C VAL A 227 6.71 -1.83 26.62
N ALA A 228 6.34 -1.55 25.37
CA ALA A 228 5.55 -0.36 25.07
C ALA A 228 4.07 -0.65 25.23
N GLU A 229 3.33 0.34 25.73
CA GLU A 229 1.88 0.29 25.84
C GLU A 229 1.30 1.37 24.94
N PRO A 230 0.50 1.04 23.89
CA PRO A 230 0.03 -0.32 23.58
C PRO A 230 1.03 -1.21 22.88
N GLY A 231 2.15 -0.65 22.38
CA GLY A 231 3.10 -1.43 21.64
C GLY A 231 2.54 -1.88 20.31
N ALA A 232 3.25 -2.84 19.69
CA ALA A 232 2.87 -3.32 18.35
C ALA A 232 3.17 -4.81 18.23
N ILE A 233 4.43 -5.16 17.92
CA ILE A 233 4.83 -6.57 17.87
C ILE A 233 4.61 -7.22 19.24
N LEU A 234 5.11 -6.57 20.31
CA LEU A 234 4.95 -7.09 21.66
C LEU A 234 3.84 -6.28 22.33
N HIS A 235 2.68 -6.91 22.52
CA HIS A 235 1.55 -6.21 23.12
C HIS A 235 0.87 -7.09 24.15
N GLU A 236 0.18 -6.46 25.10
CA GLU A 236 -0.52 -7.22 26.13
C GLU A 236 -1.51 -8.18 25.49
N GLY A 237 -1.58 -9.39 26.04
CA GLY A 237 -2.42 -10.41 25.46
C GLY A 237 -1.81 -11.15 24.29
N GLY A 238 -0.71 -10.67 23.73
CA GLY A 238 -0.15 -11.33 22.56
C GLY A 238 0.72 -12.52 22.92
N SER A 239 0.76 -13.48 21.99
CA SER A 239 1.55 -14.68 22.18
C SER A 239 3.03 -14.40 22.18
N GLU A 240 3.46 -13.37 21.44
CA GLU A 240 4.89 -13.09 21.36
C GLU A 240 5.37 -12.42 22.64
N LEU A 241 4.61 -11.45 23.16
CA LEU A 241 5.03 -10.87 24.43
C LEU A 241 4.99 -11.92 25.53
N ASP A 242 4.03 -12.83 25.48
CA ASP A 242 3.99 -13.87 26.48
C ASP A 242 5.25 -14.76 26.43
N PHE A 243 5.70 -15.10 25.20
CA PHE A 243 6.92 -15.89 25.06
C PHE A 243 8.13 -15.10 25.57
N ALA A 244 8.19 -13.83 25.20
CA ALA A 244 9.29 -12.98 25.67
C ALA A 244 9.36 -12.97 27.17
N ARG A 245 8.20 -12.92 27.83
CA ARG A 245 8.19 -12.84 29.29
C ARG A 245 8.64 -14.16 29.93
N SER A 246 8.67 -15.24 29.15
CA SER A 246 9.22 -16.51 29.64
C SER A 246 10.74 -16.56 29.75
N TRP A 247 11.49 -15.59 29.19
CA TRP A 247 12.94 -15.73 29.13
C TRP A 247 13.59 -15.54 30.50
N PRO A 248 14.69 -16.27 30.76
CA PRO A 248 15.35 -16.21 32.06
C PRO A 248 16.20 -14.95 32.22
N ASN A 249 16.51 -14.69 33.49
CA ASN A 249 17.43 -13.62 33.89
C ASN A 249 16.99 -12.29 33.26
N GLN A 250 15.71 -12.02 33.35
CA GLN A 250 15.13 -10.87 32.68
C GLN A 250 14.33 -10.01 33.63
N ARG A 251 14.47 -8.68 33.51
CA ARG A 251 13.50 -7.78 34.10
CA ARG A 251 13.50 -7.78 34.10
C ARG A 251 12.78 -7.01 33.01
N GLU A 252 11.66 -6.44 33.38
CA GLU A 252 10.79 -5.73 32.46
C GLU A 252 10.48 -4.33 32.98
N VAL A 253 10.47 -3.35 32.08
CA VAL A 253 10.04 -1.99 32.32
C VAL A 253 8.99 -1.64 31.27
N LYS A 254 7.90 -0.95 31.69
CA LYS A 254 6.83 -0.55 30.77
C LYS A 254 6.98 0.94 30.47
N VAL A 255 6.81 1.32 29.20
CA VAL A 255 6.80 2.73 28.78
C VAL A 255 5.64 2.93 27.82
N ALA A 256 5.31 4.21 27.59
CA ALA A 256 4.28 4.56 26.62
C ALA A 256 4.83 4.49 25.20
N GLY A 257 4.07 3.92 24.28
CA GLY A 257 4.48 3.92 22.90
C GLY A 257 3.75 2.91 22.06
N ARG A 258 3.87 3.12 20.75
CA ARG A 258 3.43 2.16 19.75
C ARG A 258 4.68 1.47 19.23
N HIS A 259 4.74 1.11 17.95
CA HIS A 259 5.90 0.37 17.45
C HIS A 259 7.20 1.16 17.63
N PHE A 260 7.19 2.45 17.24
CA PHE A 260 8.40 3.30 17.30
C PHE A 260 8.48 4.05 18.63
N LEU A 261 8.53 3.26 19.71
CA LEU A 261 8.39 3.79 21.05
C LEU A 261 9.49 4.79 21.41
N GLN A 262 10.63 4.72 20.73
CA GLN A 262 11.71 5.69 20.97
C GLN A 262 11.30 7.10 20.61
N GLU A 263 10.28 7.28 19.77
CA GLU A 263 9.82 8.63 19.43
C GLU A 263 8.87 9.18 20.47
N ASP A 264 8.24 8.32 21.25
CA ASP A 264 7.33 8.76 22.32
C ASP A 264 7.94 8.78 23.69
N SER A 265 8.74 7.79 24.08
CA SER A 265 9.28 7.77 25.44
C SER A 265 10.80 7.58 25.50
N PRO A 266 11.57 8.42 24.78
CA PRO A 266 13.01 8.20 24.77
C PRO A 266 13.64 8.38 26.13
N ASP A 267 13.15 9.30 26.97
CA ASP A 267 13.82 9.48 28.25
C ASP A 267 13.53 8.31 29.18
N ALA A 268 12.34 7.72 29.11
CA ALA A 268 12.09 6.60 30.00
C ALA A 268 12.82 5.35 29.54
N ILE A 269 12.91 5.17 28.23
CA ILE A 269 13.71 4.09 27.67
C ILE A 269 15.17 4.27 28.07
N GLY A 270 15.68 5.49 27.89
CA GLY A 270 17.05 5.76 28.27
C GLY A 270 17.36 5.52 29.73
N ALA A 271 16.48 5.97 30.64
CA ALA A 271 16.65 5.69 32.06
C ALA A 271 16.69 4.21 32.36
N ALA A 272 15.77 3.45 31.75
CA ALA A 272 15.73 2.00 31.99
C ALA A 272 16.98 1.31 31.43
N VAL A 273 17.40 1.67 30.22
CA VAL A 273 18.61 1.06 29.65
C VAL A 273 19.84 1.45 30.47
N ARG A 274 19.90 2.71 30.94
CA ARG A 274 21.01 3.15 31.77
C ARG A 274 21.12 2.32 33.06
N ALA A 275 20.02 2.18 33.79
CA ALA A 275 20.07 1.36 35.01
C ALA A 275 20.52 -0.06 34.68
N PHE A 276 20.00 -0.60 33.59
CA PHE A 276 20.38 -1.96 33.20
C PHE A 276 21.87 -2.07 32.92
N VAL A 277 22.42 -1.13 32.13
CA VAL A 277 23.85 -1.13 31.80
C VAL A 277 24.68 -1.05 33.07
N LEU A 278 24.32 -0.14 33.98
CA LEU A 278 25.09 -0.05 35.22
C LEU A 278 25.03 -1.37 36.00
N ASP A 279 23.84 -1.99 36.05
CA ASP A 279 23.72 -3.28 36.74
C ASP A 279 24.61 -4.34 36.06
N VAL A 280 24.59 -4.36 34.73
CA VAL A 280 25.34 -5.37 34.00
C VAL A 280 26.81 -5.22 34.29
N ARG A 281 27.31 -3.98 34.21
CA ARG A 281 28.73 -3.76 34.46
C ARG A 281 29.14 -4.11 35.88
N GLU A 282 28.23 -3.98 36.85
CA GLU A 282 28.55 -4.46 38.20
C GLU A 282 28.71 -5.96 38.23
N ARG A 283 27.95 -6.65 37.37
CA ARG A 283 27.95 -8.11 37.18
C ARG A 283 27.22 -8.79 38.33
N MET B 1 2.95 -17.88 -24.98
CA MET B 1 3.97 -18.35 -24.05
C MET B 1 3.36 -19.21 -22.97
N LYS B 2 4.10 -20.22 -22.57
CA LYS B 2 3.77 -21.02 -21.43
C LYS B 2 4.31 -20.34 -20.19
N ARG B 3 3.86 -20.80 -19.03
CA ARG B 3 4.34 -20.24 -17.78
C ARG B 3 4.36 -21.33 -16.73
N VAL B 4 5.41 -21.35 -15.94
CA VAL B 4 5.53 -22.37 -14.91
C VAL B 4 6.12 -21.74 -13.64
N ASP B 5 5.61 -22.15 -12.49
CA ASP B 5 6.17 -21.66 -11.23
C ASP B 5 7.56 -22.22 -11.05
N VAL B 6 8.48 -21.35 -10.59
CA VAL B 6 9.87 -21.75 -10.33
C VAL B 6 10.27 -21.07 -9.02
N LEU B 7 10.60 -21.88 -8.02
CA LEU B 7 10.92 -21.36 -6.69
C LEU B 7 9.83 -20.35 -6.33
N ASP B 8 10.18 -19.11 -5.97
CA ASP B 8 9.21 -18.12 -5.52
C ASP B 8 8.76 -17.17 -6.64
N SER B 9 8.92 -17.56 -7.90
CA SER B 9 8.45 -16.73 -9.01
C SER B 9 7.80 -17.61 -10.06
N ALA B 10 7.81 -17.19 -11.32
CA ALA B 10 7.12 -17.86 -12.41
C ALA B 10 7.83 -17.48 -13.69
N MET B 11 8.17 -18.47 -14.50
CA MET B 11 9.02 -18.28 -15.70
C MET B 11 8.14 -18.51 -16.92
N SER B 12 8.07 -17.50 -17.78
CA SER B 12 7.41 -17.62 -19.08
C SER B 12 8.39 -18.22 -20.07
N TYR B 13 7.86 -18.98 -21.05
CA TYR B 13 8.75 -19.63 -21.99
C TYR B 13 8.01 -19.98 -23.29
N ILE B 14 8.71 -19.76 -24.40
CA ILE B 14 8.25 -20.28 -25.71
C ILE B 14 8.32 -21.78 -25.67
N ASP B 15 7.33 -22.44 -26.31
CA ASP B 15 7.33 -23.91 -26.40
C ASP B 15 6.68 -24.26 -27.74
N VAL B 16 7.50 -24.47 -28.77
CA VAL B 16 6.95 -24.73 -30.10
C VAL B 16 7.71 -25.85 -30.76
N GLY B 17 7.02 -26.65 -31.59
CA GLY B 17 7.67 -27.80 -32.17
C GLY B 17 7.57 -29.04 -31.29
N GLN B 18 8.06 -30.15 -31.83
CA GLN B 18 7.94 -31.45 -31.17
C GLN B 18 9.22 -32.25 -31.32
N GLY B 19 9.44 -33.20 -30.41
CA GLY B 19 10.64 -33.99 -30.49
C GLY B 19 11.67 -33.64 -29.45
N ASP B 20 12.94 -33.93 -29.73
CA ASP B 20 13.97 -33.73 -28.73
C ASP B 20 14.19 -32.24 -28.52
N PRO B 21 14.62 -31.84 -27.32
CA PRO B 21 14.54 -30.43 -26.94
C PRO B 21 15.75 -29.63 -27.39
N ILE B 22 15.45 -28.43 -27.88
CA ILE B 22 16.43 -27.41 -28.22
C ILE B 22 16.05 -26.20 -27.36
N VAL B 23 16.92 -25.85 -26.41
CA VAL B 23 16.67 -24.80 -25.44
C VAL B 23 17.52 -23.57 -25.77
N PHE B 24 16.85 -22.47 -26.05
CA PHE B 24 17.47 -21.17 -26.35
C PHE B 24 17.54 -20.30 -25.09
N LEU B 25 18.75 -19.83 -24.74
CA LEU B 25 19.00 -19.00 -23.55
C LEU B 25 19.58 -17.65 -23.96
N HIS B 26 18.81 -16.60 -23.70
CA HIS B 26 19.14 -15.20 -23.92
C HIS B 26 19.95 -14.68 -22.74
N GLY B 27 20.47 -13.47 -22.92
CA GLY B 27 21.16 -12.78 -21.85
C GLY B 27 20.63 -11.38 -21.60
N ASN B 28 21.57 -10.47 -21.33
CA ASN B 28 21.23 -9.12 -20.83
C ASN B 28 21.16 -8.11 -21.97
N PRO B 29 20.10 -7.28 -22.11
CA PRO B 29 18.82 -7.16 -21.38
C PRO B 29 17.67 -7.70 -22.24
N THR B 30 17.80 -8.92 -22.78
CA THR B 30 16.85 -9.37 -23.81
C THR B 30 15.90 -10.40 -23.22
N SER B 31 15.34 -11.25 -24.06
CA SER B 31 14.39 -12.27 -23.61
C SER B 31 14.36 -13.33 -24.71
N SER B 32 13.41 -14.27 -24.61
CA SER B 32 13.24 -15.22 -25.73
C SER B 32 12.89 -14.50 -27.02
N TYR B 33 12.36 -13.27 -26.94
CA TYR B 33 12.12 -12.47 -28.16
C TYR B 33 13.34 -12.39 -29.07
N LEU B 34 14.56 -12.35 -28.50
CA LEU B 34 15.79 -12.31 -29.30
C LEU B 34 15.93 -13.50 -30.25
N TRP B 35 15.24 -14.59 -29.95
CA TRP B 35 15.35 -15.81 -30.71
C TRP B 35 14.23 -15.95 -31.72
N ARG B 36 13.34 -14.96 -31.80
CA ARG B 36 12.10 -15.16 -32.53
C ARG B 36 12.31 -15.52 -34.00
N ASN B 37 13.38 -15.03 -34.64
CA ASN B 37 13.59 -15.32 -36.06
C ASN B 37 14.59 -16.44 -36.28
N VAL B 38 15.09 -17.03 -35.20
CA VAL B 38 15.95 -18.18 -35.26
C VAL B 38 15.15 -19.46 -35.08
N ILE B 39 14.22 -19.45 -34.12
CA ILE B 39 13.41 -20.62 -33.78
C ILE B 39 12.73 -21.26 -35.01
N PRO B 40 12.15 -20.49 -35.94
CA PRO B 40 11.50 -21.13 -37.11
C PRO B 40 12.43 -21.95 -37.98
N HIS B 41 13.74 -21.80 -37.84
CA HIS B 41 14.67 -22.68 -38.57
C HIS B 41 14.89 -24.02 -37.89
N LEU B 42 14.31 -24.20 -36.71
CA LEU B 42 14.49 -25.40 -35.90
C LEU B 42 13.18 -26.06 -35.53
N SER B 43 12.04 -25.39 -35.66
CA SER B 43 10.87 -25.88 -34.96
C SER B 43 10.19 -27.04 -35.66
N ASP B 44 10.69 -27.44 -36.83
CA ASP B 44 10.19 -28.65 -37.47
C ASP B 44 11.08 -29.85 -37.18
N VAL B 45 12.20 -29.65 -36.49
CA VAL B 45 13.14 -30.73 -36.22
C VAL B 45 13.40 -30.91 -34.73
N GLY B 46 12.54 -30.34 -33.90
CA GLY B 46 12.79 -30.39 -32.47
C GLY B 46 11.83 -29.51 -31.69
N ARG B 47 11.68 -29.81 -30.39
CA ARG B 47 10.86 -29.00 -29.48
C ARG B 47 11.70 -27.82 -29.01
N CYS B 48 11.36 -26.64 -29.50
CA CYS B 48 12.08 -25.42 -29.18
C CYS B 48 11.45 -24.73 -27.96
N LEU B 49 12.27 -24.54 -26.94
CA LEU B 49 11.88 -23.96 -25.69
C LEU B 49 12.81 -22.78 -25.42
N ALA B 50 12.21 -21.65 -25.11
CA ALA B 50 12.96 -20.41 -24.91
C ALA B 50 12.38 -19.69 -23.72
N PRO B 51 13.01 -19.83 -22.55
CA PRO B 51 12.50 -19.19 -21.36
C PRO B 51 12.96 -17.73 -21.26
N ASP B 52 12.11 -16.93 -20.64
CA ASP B 52 12.53 -15.60 -20.18
C ASP B 52 13.06 -15.71 -18.74
N LEU B 53 14.29 -15.23 -18.51
CA LEU B 53 14.86 -15.29 -17.17
C LEU B 53 14.03 -14.43 -16.20
N ILE B 54 14.03 -14.87 -14.94
CA ILE B 54 13.28 -14.14 -13.93
C ILE B 54 13.72 -12.67 -13.91
N GLY B 55 12.72 -11.80 -13.83
CA GLY B 55 12.97 -10.36 -13.86
C GLY B 55 13.11 -9.81 -15.27
N MET B 56 12.92 -10.63 -16.29
CA MET B 56 13.21 -10.22 -17.65
C MET B 56 12.06 -10.67 -18.56
N GLY B 57 11.95 -10.01 -19.69
CA GLY B 57 10.91 -10.44 -20.64
C GLY B 57 9.53 -10.44 -20.03
N ALA B 58 8.79 -11.53 -20.27
CA ALA B 58 7.45 -11.68 -19.75
C ALA B 58 7.39 -12.38 -18.40
N SER B 59 8.53 -12.84 -17.88
CA SER B 59 8.50 -13.66 -16.66
C SER B 59 8.15 -12.82 -15.44
N GLY B 60 7.75 -13.53 -14.36
CA GLY B 60 7.63 -12.91 -13.04
C GLY B 60 8.97 -12.39 -12.59
N THR B 61 8.93 -11.58 -11.54
CA THR B 61 10.12 -11.01 -10.94
C THR B 61 10.46 -11.74 -9.65
N SER B 62 11.64 -11.43 -9.11
CA SER B 62 12.06 -12.08 -7.88
C SER B 62 11.54 -11.28 -6.69
N PRO B 63 10.73 -11.87 -5.83
CA PRO B 63 10.18 -11.09 -4.71
C PRO B 63 11.23 -10.63 -3.74
N THR B 64 12.38 -11.31 -3.70
CA THR B 64 13.47 -10.88 -2.83
C THR B 64 14.52 -10.07 -3.58
N PHE B 65 14.28 -9.74 -4.84
CA PHE B 65 15.27 -8.98 -5.66
C PHE B 65 16.62 -9.71 -5.67
N SER B 66 16.57 -11.02 -5.87
CA SER B 66 17.75 -11.88 -5.89
C SER B 66 18.09 -12.16 -7.34
N TYR B 67 19.05 -11.37 -7.85
CA TYR B 67 19.33 -11.29 -9.28
C TYR B 67 20.83 -11.49 -9.56
N ARG B 68 21.56 -12.11 -8.64
CA ARG B 68 22.92 -12.53 -8.97
C ARG B 68 22.89 -13.72 -9.91
N PHE B 69 24.03 -13.95 -10.55
CA PHE B 69 24.17 -15.14 -11.40
C PHE B 69 23.71 -16.40 -10.67
N ALA B 70 24.10 -16.60 -9.40
CA ALA B 70 23.70 -17.87 -8.77
C ALA B 70 22.20 -17.95 -8.54
N ASP B 71 21.54 -16.80 -8.35
CA ASP B 71 20.08 -16.81 -8.25
C ASP B 71 19.46 -17.25 -9.55
N HIS B 72 19.94 -16.69 -10.67
CA HIS B 72 19.44 -17.09 -11.97
C HIS B 72 19.72 -18.55 -12.23
N VAL B 73 20.89 -19.05 -11.80
CA VAL B 73 21.16 -20.47 -11.94
C VAL B 73 20.05 -21.28 -11.25
N ARG B 74 19.74 -20.90 -10.02
CA ARG B 74 18.73 -21.66 -9.26
C ARG B 74 17.34 -21.57 -9.90
N TYR B 75 16.91 -20.36 -10.29
CA TYR B 75 15.61 -20.19 -10.96
C TYR B 75 15.52 -21.03 -12.22
N LEU B 76 16.58 -20.99 -13.06
CA LEU B 76 16.54 -21.73 -14.32
C LEU B 76 16.64 -23.22 -14.10
N ASP B 77 17.39 -23.67 -13.06
CA ASP B 77 17.40 -25.09 -12.75
C ASP B 77 15.98 -25.53 -12.44
N ALA B 78 15.25 -24.70 -11.68
CA ALA B 78 13.87 -25.04 -11.32
C ALA B 78 13.02 -25.20 -12.57
N TRP B 79 13.26 -24.33 -13.56
CA TRP B 79 12.56 -24.45 -14.85
C TRP B 79 12.93 -25.75 -15.58
N PHE B 80 14.23 -26.08 -15.65
CA PHE B 80 14.66 -27.33 -16.29
C PHE B 80 13.97 -28.51 -15.65
N GLU B 81 13.83 -28.47 -14.32
CA GLU B 81 13.26 -29.59 -13.60
C GLU B 81 11.75 -29.65 -13.76
N ALA B 82 11.08 -28.50 -13.66
CA ALA B 82 9.62 -28.46 -13.76
C ALA B 82 9.14 -28.89 -15.13
N VAL B 83 9.81 -28.45 -16.19
CA VAL B 83 9.36 -28.79 -17.54
C VAL B 83 9.96 -30.12 -17.97
N GLY B 84 10.87 -30.70 -17.20
CA GLY B 84 11.47 -31.99 -17.48
C GLY B 84 12.47 -32.00 -18.61
N ILE B 85 13.17 -30.89 -18.83
CA ILE B 85 14.09 -30.79 -19.96
C ILE B 85 15.43 -31.33 -19.47
N THR B 86 15.52 -32.66 -19.41
CA THR B 86 16.61 -33.31 -18.69
C THR B 86 17.29 -34.39 -19.52
N GLU B 87 16.96 -34.50 -20.82
CA GLU B 87 17.41 -35.59 -21.66
C GLU B 87 17.58 -35.06 -23.08
N ASN B 88 18.73 -35.37 -23.68
CA ASN B 88 18.97 -35.06 -25.09
C ASN B 88 18.75 -33.59 -25.40
N VAL B 89 19.31 -32.72 -24.57
CA VAL B 89 19.11 -31.29 -24.74
C VAL B 89 20.21 -30.69 -25.60
N VAL B 90 19.83 -29.92 -26.59
CA VAL B 90 20.76 -29.05 -27.31
C VAL B 90 20.56 -27.63 -26.79
N LEU B 91 21.62 -27.03 -26.26
CA LEU B 91 21.57 -25.66 -25.77
C LEU B 91 21.99 -24.73 -26.91
N VAL B 92 21.25 -23.62 -27.06
CA VAL B 92 21.54 -22.58 -28.05
C VAL B 92 21.60 -21.29 -27.22
N VAL B 93 22.81 -20.75 -27.02
CA VAL B 93 23.00 -19.78 -25.93
C VAL B 93 23.76 -18.55 -26.37
N HIS B 94 23.56 -17.46 -25.61
CA HIS B 94 24.16 -16.17 -25.96
C HIS B 94 24.37 -15.38 -24.67
N ASP B 95 25.48 -14.66 -24.56
CA ASP B 95 25.69 -13.73 -23.44
C ASP B 95 25.50 -14.47 -22.11
N TRP B 96 24.77 -13.88 -21.13
CA TRP B 96 24.60 -14.55 -19.86
C TRP B 96 23.80 -15.85 -19.98
N GLY B 97 23.02 -16.00 -21.06
CA GLY B 97 22.41 -17.29 -21.33
C GLY B 97 23.44 -18.37 -21.61
N SER B 98 24.56 -18.00 -22.23
CA SER B 98 25.67 -18.94 -22.36
C SER B 98 26.31 -19.31 -21.01
N ALA B 99 26.53 -18.33 -20.11
CA ALA B 99 27.02 -18.71 -18.77
C ALA B 99 26.06 -19.68 -18.09
N LEU B 100 24.76 -19.41 -18.20
CA LEU B 100 23.77 -20.33 -17.61
C LEU B 100 23.86 -21.71 -18.25
N GLY B 101 23.91 -21.76 -19.58
CA GLY B 101 23.86 -23.06 -20.24
C GLY B 101 25.12 -23.85 -19.98
N PHE B 102 26.26 -23.17 -20.03
CA PHE B 102 27.56 -23.76 -19.77
C PHE B 102 27.65 -24.33 -18.36
N TYR B 103 27.20 -23.56 -17.37
CA TYR B 103 27.21 -24.06 -15.99
C TYR B 103 26.28 -25.26 -15.83
N ARG B 104 25.14 -25.23 -16.54
CA ARG B 104 24.23 -26.38 -16.58
C ARG B 104 24.92 -27.62 -17.14
N ALA B 105 25.64 -27.46 -18.27
CA ALA B 105 26.35 -28.58 -18.89
C ALA B 105 27.44 -29.11 -17.98
N LEU B 106 28.16 -28.20 -17.30
CA LEU B 106 29.18 -28.57 -16.33
C LEU B 106 28.61 -29.52 -15.28
N ARG B 107 27.40 -29.22 -14.81
CA ARG B 107 26.85 -29.94 -13.67
C ARG B 107 26.04 -31.16 -14.08
N TYR B 108 25.54 -31.19 -15.31
CA TYR B 108 24.74 -32.31 -15.81
C TYR B 108 25.17 -32.64 -17.25
N PRO B 109 26.46 -32.98 -17.47
CA PRO B 109 26.92 -33.24 -18.85
C PRO B 109 26.15 -34.34 -19.56
N GLU B 110 25.66 -35.32 -18.81
CA GLU B 110 24.92 -36.46 -19.34
C GLU B 110 23.59 -36.05 -19.98
N GLN B 111 23.06 -34.88 -19.64
CA GLN B 111 21.80 -34.41 -20.18
C GLN B 111 21.97 -33.65 -21.49
N ILE B 112 23.19 -33.33 -21.90
CA ILE B 112 23.41 -32.34 -22.95
C ILE B 112 23.92 -33.06 -24.21
N ALA B 113 23.16 -32.95 -25.26
CA ALA B 113 23.49 -33.52 -26.57
C ALA B 113 24.41 -32.64 -27.37
N GLY B 114 24.36 -31.33 -27.16
CA GLY B 114 25.22 -30.42 -27.89
C GLY B 114 25.01 -29.00 -27.41
N ILE B 115 25.94 -28.13 -27.80
CA ILE B 115 25.94 -26.74 -27.40
C ILE B 115 26.30 -25.87 -28.62
N ALA B 116 25.35 -25.05 -29.05
CA ALA B 116 25.63 -23.98 -30.00
C ALA B 116 25.70 -22.67 -29.22
N TYR B 117 26.79 -21.92 -29.40
CA TYR B 117 26.98 -20.72 -28.59
C TYR B 117 27.56 -19.59 -29.43
N MET B 118 27.32 -18.37 -28.97
CA MET B 118 27.62 -17.18 -29.76
C MET B 118 27.75 -16.02 -28.79
N ASP B 119 28.71 -15.13 -29.08
CA ASP B 119 29.14 -14.04 -28.21
C ASP B 119 28.96 -14.36 -26.73
N ALA B 120 29.75 -15.30 -26.28
CA ALA B 120 29.49 -16.02 -25.04
C ALA B 120 30.56 -15.72 -24.00
N LEU B 121 30.21 -16.03 -22.76
CA LEU B 121 31.15 -15.87 -21.66
C LEU B 121 31.85 -17.23 -21.48
N VAL B 122 32.97 -17.40 -22.19
CA VAL B 122 33.69 -18.66 -22.20
C VAL B 122 34.68 -18.81 -21.06
N GLN B 123 35.12 -17.71 -20.47
CA GLN B 123 36.07 -17.74 -19.36
C GLN B 123 36.08 -16.37 -18.68
N PRO B 124 36.67 -16.24 -17.50
CA PRO B 124 36.67 -14.93 -16.85
C PRO B 124 37.39 -13.91 -17.72
N ARG B 125 36.95 -12.67 -17.66
CA ARG B 125 37.38 -11.68 -18.62
C ARG B 125 38.46 -10.78 -18.06
N THR B 126 39.18 -10.12 -18.96
CA THR B 126 40.09 -9.02 -18.65
C THR B 126 39.49 -7.74 -19.22
N TRP B 127 39.93 -6.59 -18.70
CA TRP B 127 39.39 -5.32 -19.16
C TRP B 127 39.74 -5.07 -20.64
N ALA B 128 40.92 -5.51 -21.06
CA ALA B 128 41.29 -5.33 -22.46
C ALA B 128 40.36 -6.07 -23.41
N GLY B 129 39.65 -7.08 -22.94
CA GLY B 129 38.74 -7.80 -23.83
C GLY B 129 37.44 -7.10 -24.08
N PHE B 130 37.15 -6.05 -23.30
CA PHE B 130 35.87 -5.37 -23.47
C PHE B 130 35.85 -4.42 -24.65
N THR B 131 37.02 -4.11 -25.23
CA THR B 131 37.15 -3.20 -26.40
C THR B 131 36.25 -1.98 -26.19
N ASP B 132 35.38 -1.66 -27.16
CA ASP B 132 34.51 -0.47 -27.13
C ASP B 132 33.66 -0.37 -25.88
N TYR B 133 33.31 -1.51 -25.24
CA TYR B 133 32.45 -1.49 -24.06
C TYR B 133 33.18 -1.23 -22.74
N GLU B 134 34.51 -1.00 -22.78
CA GLU B 134 35.23 -0.83 -21.52
C GLU B 134 34.78 0.37 -20.70
N PRO B 135 34.65 1.57 -21.27
CA PRO B 135 34.12 2.71 -20.51
C PRO B 135 32.82 2.41 -19.78
N LEU B 136 31.83 1.97 -20.56
CA LEU B 136 30.50 1.70 -20.02
C LEU B 136 30.55 0.72 -18.85
N MET B 137 31.21 -0.42 -19.05
CA MET B 137 31.20 -1.44 -18.03
C MET B 137 32.01 -1.01 -16.82
N ARG B 138 33.11 -0.27 -17.02
CA ARG B 138 33.81 0.21 -15.82
C ARG B 138 32.87 1.07 -15.01
N ALA B 139 32.13 1.95 -15.68
CA ALA B 139 31.28 2.88 -14.95
C ALA B 139 30.14 2.15 -14.26
N LEU B 140 29.62 1.09 -14.90
CA LEU B 140 28.47 0.40 -14.33
C LEU B 140 28.85 -0.32 -13.05
N ARG B 141 30.13 -0.67 -12.89
CA ARG B 141 30.59 -1.34 -11.70
C ARG B 141 31.03 -0.39 -10.61
N THR B 142 30.81 0.91 -10.80
CA THR B 142 31.02 1.94 -9.81
C THR B 142 29.65 2.44 -9.36
N GLU B 143 29.65 3.40 -8.43
CA GLU B 143 28.39 3.98 -7.95
C GLU B 143 27.58 4.69 -9.02
N GLN B 144 28.16 4.96 -10.20
CA GLN B 144 27.39 5.51 -11.32
C GLN B 144 26.35 4.53 -11.85
N GLY B 145 26.52 3.25 -11.56
CA GLY B 145 25.73 2.24 -12.26
C GLY B 145 24.25 2.36 -11.95
N GLU B 146 23.90 2.65 -10.69
CA GLU B 146 22.49 2.80 -10.38
C GLU B 146 21.85 3.85 -11.27
N ARG B 147 22.55 4.98 -11.49
CA ARG B 147 21.96 6.00 -12.33
CA ARG B 147 21.98 6.02 -12.33
C ARG B 147 21.90 5.55 -13.78
N MET B 148 23.00 4.96 -14.26
CA MET B 148 23.06 4.60 -15.68
C MET B 148 22.06 3.48 -16.02
N ALA B 149 21.96 2.48 -15.16
CA ALA B 149 21.10 1.35 -15.50
C ALA B 149 19.66 1.58 -15.05
N LEU B 150 19.45 2.14 -13.86
CA LEU B 150 18.09 2.18 -13.35
C LEU B 150 17.40 3.47 -13.77
N ALA B 151 18.07 4.63 -13.60
CA ALA B 151 17.42 5.87 -14.03
C ALA B 151 17.39 6.04 -15.56
N GLU B 152 18.47 5.70 -16.24
CA GLU B 152 18.63 5.99 -17.68
C GLU B 152 18.34 4.77 -18.55
N ASN B 153 18.20 3.60 -17.94
CA ASN B 153 17.91 2.36 -18.65
C ASN B 153 18.90 2.16 -19.78
N VAL B 154 20.19 2.28 -19.46
CA VAL B 154 21.19 2.34 -20.53
C VAL B 154 21.22 1.05 -21.36
N PHE B 155 20.92 -0.13 -20.77
CA PHE B 155 21.08 -1.35 -21.54
C PHE B 155 20.02 -1.45 -22.65
N VAL B 156 18.78 -1.04 -22.37
CA VAL B 156 17.77 -1.12 -23.42
C VAL B 156 17.93 0.04 -24.39
N GLU B 157 18.14 1.24 -23.90
CA GLU B 157 18.02 2.39 -24.78
C GLU B 157 19.28 2.66 -25.57
N LYS B 158 20.45 2.30 -25.05
CA LYS B 158 21.71 2.50 -25.75
C LYS B 158 22.39 1.20 -26.17
N VAL B 159 22.52 0.23 -25.28
CA VAL B 159 23.34 -0.94 -25.59
C VAL B 159 22.70 -1.81 -26.68
N VAL B 160 21.39 -2.05 -26.59
CA VAL B 160 20.69 -2.89 -27.59
C VAL B 160 20.82 -2.26 -28.98
N PRO B 161 20.44 -1.00 -29.22
CA PRO B 161 20.61 -0.49 -30.58
C PRO B 161 22.04 -0.36 -31.01
N GLY B 162 22.95 -0.08 -30.07
CA GLY B 162 24.35 -0.02 -30.43
C GLY B 162 24.94 -1.37 -30.78
N GLY B 163 24.28 -2.46 -30.38
CA GLY B 163 24.79 -3.79 -30.69
C GLY B 163 24.06 -4.49 -31.82
N VAL B 164 23.32 -3.70 -32.61
CA VAL B 164 22.60 -4.17 -33.80
C VAL B 164 23.06 -3.33 -35.00
N GLN B 165 23.38 -4.01 -36.12
CA GLN B 165 23.90 -3.30 -37.29
C GLN B 165 22.78 -2.57 -38.03
N ARG B 166 21.65 -3.22 -38.21
CA ARG B 166 20.49 -2.59 -38.79
C ARG B 166 19.78 -1.72 -37.76
N GLN B 167 18.79 -0.98 -38.23
CA GLN B 167 17.95 -0.17 -37.35
C GLN B 167 16.76 -1.01 -36.89
N LEU B 168 16.55 -1.06 -35.57
CA LEU B 168 15.43 -1.78 -35.04
C LEU B 168 14.12 -1.02 -35.33
N THR B 169 13.06 -1.78 -35.54
CA THR B 169 11.77 -1.11 -35.74
C THR B 169 11.24 -0.55 -34.42
N GLU B 170 10.19 0.29 -34.51
CA GLU B 170 9.62 0.78 -33.27
C GLU B 170 8.94 -0.34 -32.49
N GLU B 171 8.38 -1.32 -33.21
CA GLU B 171 7.81 -2.47 -32.53
C GLU B 171 8.89 -3.26 -31.79
N GLU B 172 10.04 -3.45 -32.42
CA GLU B 172 11.13 -4.19 -31.77
C GLU B 172 11.58 -3.46 -30.50
N MET B 173 11.78 -2.14 -30.58
CA MET B 173 12.22 -1.43 -29.39
C MET B 173 11.15 -1.42 -28.32
N ALA B 174 9.85 -1.36 -28.75
CA ALA B 174 8.73 -1.43 -27.82
C ALA B 174 8.75 -2.72 -27.03
N VAL B 175 9.07 -3.83 -27.70
CA VAL B 175 9.12 -5.11 -27.01
C VAL B 175 10.29 -5.15 -26.03
N TYR B 176 11.48 -4.75 -26.50
CA TYR B 176 12.65 -4.77 -25.61
C TYR B 176 12.49 -3.84 -24.40
N ARG B 177 11.77 -2.73 -24.53
CA ARG B 177 11.50 -1.80 -23.42
C ARG B 177 10.47 -2.32 -22.45
N THR B 178 9.57 -3.17 -22.93
CA THR B 178 8.38 -3.56 -22.16
C THR B 178 8.65 -4.07 -20.75
N PRO B 179 9.64 -4.92 -20.47
CA PRO B 179 9.82 -5.37 -19.09
C PRO B 179 10.32 -4.31 -18.16
N TYR B 180 10.74 -3.14 -18.67
CA TYR B 180 11.55 -2.20 -17.89
C TYR B 180 10.96 -0.80 -17.83
N PRO B 181 9.67 -0.67 -17.44
CA PRO B 181 9.06 0.66 -17.45
C PRO B 181 9.55 1.61 -16.37
N THR B 182 10.16 1.11 -15.31
CA THR B 182 10.54 1.93 -14.16
C THR B 182 11.95 1.59 -13.68
N PRO B 183 12.57 2.51 -12.95
CA PRO B 183 13.90 2.20 -12.41
C PRO B 183 13.94 0.96 -11.56
N GLN B 184 12.96 0.77 -10.68
CA GLN B 184 12.92 -0.39 -9.80
C GLN B 184 12.65 -1.70 -10.53
N SER B 185 12.26 -1.69 -11.81
CA SER B 185 12.16 -2.90 -12.62
C SER B 185 13.46 -3.26 -13.33
N ARG B 186 14.46 -2.37 -13.31
CA ARG B 186 15.67 -2.50 -14.14
C ARG B 186 16.85 -3.11 -13.36
N ILE B 187 16.63 -3.56 -12.12
CA ILE B 187 17.74 -4.12 -11.32
C ILE B 187 18.42 -5.29 -12.00
N PRO B 188 17.71 -6.22 -12.66
CA PRO B 188 18.45 -7.31 -13.31
C PRO B 188 19.47 -6.84 -14.34
N THR B 189 19.20 -5.73 -15.04
CA THR B 189 20.17 -5.31 -16.08
C THR B 189 21.46 -4.80 -15.43
N LEU B 190 21.35 -4.17 -14.25
CA LEU B 190 22.53 -3.70 -13.54
C LEU B 190 23.29 -4.86 -12.92
N LEU B 191 22.56 -5.80 -12.32
CA LEU B 191 23.25 -6.95 -11.74
C LEU B 191 24.01 -7.73 -12.81
N TRP B 192 23.45 -7.86 -14.01
CA TRP B 192 24.20 -8.63 -15.03
C TRP B 192 25.52 -7.93 -15.37
N ALA B 193 25.56 -6.61 -15.33
CA ALA B 193 26.85 -5.96 -15.60
C ALA B 193 27.84 -6.16 -14.45
N ARG B 194 27.37 -6.06 -13.19
CA ARG B 194 28.25 -6.24 -12.03
C ARG B 194 28.66 -7.69 -11.77
N GLU B 195 27.93 -8.68 -12.29
CA GLU B 195 28.28 -10.06 -12.04
C GLU B 195 29.32 -10.59 -13.03
N ILE B 196 29.65 -9.83 -14.07
CA ILE B 196 30.64 -10.37 -15.01
C ILE B 196 31.96 -10.56 -14.26
N PRO B 197 32.59 -11.73 -14.33
CA PRO B 197 33.90 -11.93 -13.66
C PRO B 197 35.00 -11.26 -14.46
N VAL B 198 35.60 -10.23 -13.87
CA VAL B 198 36.63 -9.46 -14.57
C VAL B 198 37.83 -9.39 -13.63
N GLU B 199 38.95 -9.97 -14.05
CA GLU B 199 40.21 -9.94 -13.30
C GLU B 199 40.01 -10.36 -11.85
N GLY B 200 39.16 -11.36 -11.66
CA GLY B 200 39.04 -12.03 -10.39
C GLY B 200 37.78 -11.71 -9.62
N GLU B 201 37.00 -10.71 -10.05
CA GLU B 201 35.89 -10.27 -9.23
C GLU B 201 34.63 -10.11 -10.07
N PRO B 202 33.45 -10.48 -9.52
CA PRO B 202 33.26 -11.10 -8.20
C PRO B 202 33.83 -12.51 -8.17
N ALA B 203 34.52 -12.80 -7.06
CA ALA B 203 35.28 -14.04 -7.00
C ALA B 203 34.38 -15.28 -7.10
N ASP B 204 33.14 -15.22 -6.59
CA ASP B 204 32.33 -16.45 -6.61
C ASP B 204 31.86 -16.78 -8.01
N VAL B 205 31.44 -15.74 -8.77
CA VAL B 205 31.13 -15.95 -10.17
C VAL B 205 32.39 -16.34 -10.93
N GLN B 206 33.51 -15.68 -10.65
CA GLN B 206 34.76 -16.08 -11.30
C GLN B 206 35.01 -17.59 -11.14
N ALA B 207 34.82 -18.12 -9.93
CA ALA B 207 35.08 -19.54 -9.72
C ALA B 207 34.09 -20.43 -10.48
N MET B 208 32.81 -20.04 -10.55
CA MET B 208 31.84 -20.81 -11.35
C MET B 208 32.20 -20.82 -12.83
N VAL B 209 32.59 -19.66 -13.37
CA VAL B 209 32.88 -19.59 -14.80
C VAL B 209 34.21 -20.29 -15.12
N GLN B 210 35.19 -20.16 -14.22
CA GLN B 210 36.45 -20.87 -14.37
C GLN B 210 36.24 -22.38 -14.35
N GLU B 211 35.34 -22.85 -13.49
CA GLU B 211 35.02 -24.27 -13.45
C GLU B 211 34.42 -24.74 -14.78
N TYR B 212 33.46 -23.98 -15.32
CA TYR B 212 32.86 -24.51 -16.56
C TYR B 212 33.79 -24.29 -17.76
N ALA B 213 34.69 -23.32 -17.68
CA ALA B 213 35.67 -23.12 -18.74
C ALA B 213 36.67 -24.27 -18.78
N ASP B 214 37.26 -24.61 -17.63
CA ASP B 214 38.15 -25.77 -17.54
C ASP B 214 37.41 -27.01 -18.04
N PHE B 215 36.11 -27.12 -17.71
CA PHE B 215 35.38 -28.34 -18.09
C PHE B 215 35.14 -28.39 -19.59
N LEU B 216 34.64 -27.30 -20.17
CA LEU B 216 34.27 -27.35 -21.56
C LEU B 216 35.50 -27.39 -22.47
N SER B 217 36.64 -26.83 -22.04
CA SER B 217 37.88 -26.87 -22.82
C SER B 217 38.47 -28.26 -22.93
N ARG B 218 37.86 -29.24 -22.27
CA ARG B 218 38.30 -30.63 -22.36
C ARG B 218 37.09 -31.56 -22.50
N SER B 219 35.91 -31.02 -22.81
CA SER B 219 34.72 -31.86 -22.84
C SER B 219 34.42 -32.33 -24.26
N ASP B 220 34.01 -33.59 -24.37
CA ASP B 220 33.69 -34.20 -25.66
C ASP B 220 32.32 -33.84 -26.17
N ILE B 221 31.56 -33.02 -25.45
CA ILE B 221 30.21 -32.65 -25.94
C ILE B 221 30.33 -31.90 -27.27
N PRO B 222 29.47 -32.18 -28.23
CA PRO B 222 29.57 -31.53 -29.54
C PRO B 222 29.19 -30.06 -29.44
N LYS B 223 29.92 -29.22 -30.18
CA LYS B 223 29.83 -27.76 -30.07
C LYS B 223 29.82 -27.07 -31.44
N LEU B 224 28.98 -26.04 -31.53
CA LEU B 224 28.91 -25.12 -32.67
C LEU B 224 29.22 -23.73 -32.14
N LEU B 225 30.33 -23.16 -32.60
CA LEU B 225 30.70 -21.79 -32.30
C LEU B 225 30.26 -20.92 -33.46
N ILE B 226 29.39 -19.94 -33.19
CA ILE B 226 29.00 -18.98 -34.20
C ILE B 226 29.72 -17.67 -33.87
N VAL B 227 30.57 -17.23 -34.79
CA VAL B 227 31.37 -16.03 -34.63
C VAL B 227 30.70 -14.93 -35.42
N ALA B 228 30.37 -13.85 -34.76
CA ALA B 228 29.85 -12.70 -35.46
C ALA B 228 31.02 -11.80 -35.87
N GLU B 229 30.91 -11.20 -37.06
CA GLU B 229 31.88 -10.24 -37.55
C GLU B 229 31.19 -8.90 -37.64
N PRO B 230 31.61 -7.89 -36.85
CA PRO B 230 32.80 -7.85 -35.99
C PRO B 230 32.58 -8.48 -34.63
N GLY B 231 31.33 -8.82 -34.35
CA GLY B 231 30.89 -9.28 -33.04
C GLY B 231 31.30 -8.30 -31.94
N ALA B 232 31.46 -8.86 -30.74
CA ALA B 232 31.74 -8.03 -29.56
C ALA B 232 32.55 -8.78 -28.51
N ILE B 233 31.89 -9.61 -27.69
CA ILE B 233 32.61 -10.37 -26.67
C ILE B 233 33.65 -11.27 -27.33
N LEU B 234 33.23 -11.97 -28.40
CA LEU B 234 34.13 -12.86 -29.14
C LEU B 234 34.45 -12.18 -30.45
N HIS B 235 35.66 -11.64 -30.55
CA HIS B 235 36.08 -10.88 -31.72
C HIS B 235 37.42 -11.39 -32.22
N GLU B 236 37.61 -11.26 -33.53
CA GLU B 236 38.89 -11.69 -34.11
C GLU B 236 40.05 -10.95 -33.45
N GLY B 237 41.09 -11.69 -33.09
CA GLY B 237 42.23 -11.13 -32.39
C GLY B 237 42.05 -11.03 -30.89
N GLY B 238 40.89 -11.41 -30.36
CA GLY B 238 40.69 -11.40 -28.93
C GLY B 238 41.06 -12.71 -28.28
N SER B 239 41.51 -12.62 -27.02
CA SER B 239 41.91 -13.82 -26.29
C SER B 239 40.73 -14.74 -26.03
N GLU B 240 39.51 -14.18 -25.97
CA GLU B 240 38.35 -14.99 -25.59
C GLU B 240 37.88 -15.85 -26.76
N LEU B 241 37.89 -15.28 -27.96
CA LEU B 241 37.66 -16.09 -29.14
C LEU B 241 38.78 -17.11 -29.33
N ASP B 242 40.04 -16.75 -29.00
CA ASP B 242 41.11 -17.74 -29.10
C ASP B 242 40.79 -18.95 -28.21
N PHE B 243 40.38 -18.67 -26.98
CA PHE B 243 40.09 -19.76 -26.05
C PHE B 243 38.93 -20.60 -26.54
N ALA B 244 37.84 -19.95 -26.96
CA ALA B 244 36.70 -20.67 -27.51
C ALA B 244 37.10 -21.57 -28.67
N ARG B 245 37.95 -21.09 -29.56
CA ARG B 245 38.38 -21.94 -30.67
C ARG B 245 39.25 -23.09 -30.19
N SER B 246 39.88 -22.98 -29.01
CA SER B 246 40.60 -24.11 -28.42
C SER B 246 39.69 -25.21 -27.87
N TRP B 247 38.37 -25.01 -27.80
CA TRP B 247 37.49 -26.04 -27.24
C TRP B 247 37.37 -27.21 -28.22
N PRO B 248 37.29 -28.45 -27.74
CA PRO B 248 37.33 -29.62 -28.62
C PRO B 248 35.95 -29.99 -29.16
N ASN B 249 35.96 -30.92 -30.12
CA ASN B 249 34.75 -31.41 -30.83
C ASN B 249 33.83 -30.27 -31.31
N GLN B 250 34.42 -29.26 -31.93
CA GLN B 250 33.73 -28.03 -32.24
C GLN B 250 33.84 -27.68 -33.71
N ARG B 251 32.75 -27.18 -34.28
CA ARG B 251 32.70 -26.58 -35.61
C ARG B 251 32.47 -25.08 -35.46
N GLU B 252 32.95 -24.31 -36.42
CA GLU B 252 32.78 -22.85 -36.39
C GLU B 252 32.06 -22.38 -37.64
N VAL B 253 31.18 -21.39 -37.45
CA VAL B 253 30.54 -20.68 -38.54
C VAL B 253 30.81 -19.20 -38.30
N LYS B 254 30.80 -18.40 -39.38
CA LYS B 254 30.89 -16.96 -39.26
C LYS B 254 29.65 -16.30 -39.86
N VAL B 255 29.14 -15.26 -39.20
CA VAL B 255 27.98 -14.51 -39.66
C VAL B 255 28.25 -13.04 -39.40
N ALA B 256 27.49 -12.19 -40.05
CA ALA B 256 27.61 -10.76 -39.81
C ALA B 256 26.86 -10.37 -38.56
N GLY B 257 27.44 -9.48 -37.77
CA GLY B 257 26.77 -9.02 -36.58
C GLY B 257 27.71 -8.37 -35.60
N ARG B 258 27.11 -7.62 -34.67
CA ARG B 258 27.80 -7.12 -33.49
C ARG B 258 27.39 -7.98 -32.30
N HIS B 259 27.13 -7.41 -31.13
CA HIS B 259 26.82 -8.30 -29.99
C HIS B 259 25.49 -9.03 -30.20
N PHE B 260 24.43 -8.31 -30.60
CA PHE B 260 23.10 -8.91 -30.75
C PHE B 260 22.90 -9.47 -32.17
N LEU B 261 23.75 -10.44 -32.49
CA LEU B 261 23.90 -10.89 -33.86
C LEU B 261 22.63 -11.55 -34.39
N GLN B 262 21.80 -12.05 -33.49
CA GLN B 262 20.52 -12.62 -33.90
C GLN B 262 19.63 -11.59 -34.57
N GLU B 263 19.88 -10.29 -34.36
CA GLU B 263 18.98 -9.34 -35.01
C GLU B 263 19.39 -9.05 -36.43
N ASP B 264 20.67 -9.31 -36.78
CA ASP B 264 21.22 -8.99 -38.09
C ASP B 264 21.32 -10.20 -38.97
N SER B 265 21.62 -11.37 -38.42
CA SER B 265 21.81 -12.57 -39.23
C SER B 265 21.01 -13.77 -38.71
N PRO B 266 19.72 -13.61 -38.39
CA PRO B 266 18.98 -14.74 -37.80
C PRO B 266 18.88 -15.94 -38.70
N ASP B 267 18.82 -15.76 -40.02
CA ASP B 267 18.71 -16.91 -40.92
C ASP B 267 20.01 -17.71 -41.06
N ALA B 268 21.14 -17.05 -41.25
CA ALA B 268 22.42 -17.75 -41.22
C ALA B 268 22.63 -18.47 -39.89
N ILE B 269 22.26 -17.82 -38.77
CA ILE B 269 22.35 -18.47 -37.46
C ILE B 269 21.45 -19.70 -37.39
N GLY B 270 20.16 -19.54 -37.74
CA GLY B 270 19.26 -20.67 -37.71
C GLY B 270 19.70 -21.79 -38.64
N ALA B 271 20.29 -21.46 -39.78
CA ALA B 271 20.72 -22.53 -40.68
C ALA B 271 21.93 -23.26 -40.10
N ALA B 272 22.82 -22.53 -39.40
CA ALA B 272 23.95 -23.18 -38.77
C ALA B 272 23.51 -24.08 -37.64
N VAL B 273 22.56 -23.59 -36.83
CA VAL B 273 22.06 -24.36 -35.69
C VAL B 273 21.27 -25.58 -36.16
N ARG B 274 20.45 -25.42 -37.21
CA ARG B 274 19.73 -26.55 -37.79
C ARG B 274 20.69 -27.63 -38.28
N ALA B 275 21.76 -27.24 -38.99
CA ALA B 275 22.66 -28.27 -39.53
C ALA B 275 23.43 -28.96 -38.40
N PHE B 276 23.78 -28.19 -37.36
CA PHE B 276 24.37 -28.78 -36.16
C PHE B 276 23.42 -29.76 -35.48
N VAL B 277 22.17 -29.36 -35.27
CA VAL B 277 21.22 -30.21 -34.56
C VAL B 277 21.01 -31.51 -35.33
N LEU B 278 20.87 -31.42 -36.65
CA LEU B 278 20.69 -32.63 -37.44
C LEU B 278 21.91 -33.55 -37.32
N ASP B 279 23.12 -32.99 -37.42
CA ASP B 279 24.29 -33.84 -37.30
C ASP B 279 24.43 -34.43 -35.91
N VAL B 280 24.01 -33.70 -34.87
CA VAL B 280 24.07 -34.22 -33.51
C VAL B 280 23.07 -35.37 -33.33
N ARG B 281 21.85 -35.19 -33.84
CA ARG B 281 20.82 -36.21 -33.70
C ARG B 281 21.16 -37.45 -34.53
N GLU B 282 21.99 -37.33 -35.55
CA GLU B 282 22.47 -38.55 -36.20
C GLU B 282 23.35 -39.38 -35.27
N MET C 1 -30.57 -9.47 -12.72
CA MET C 1 -29.27 -9.19 -12.10
C MET C 1 -28.98 -10.13 -10.96
N LYS C 2 -27.70 -10.44 -10.81
CA LYS C 2 -27.23 -11.13 -9.62
C LYS C 2 -26.93 -10.10 -8.54
N ARG C 3 -26.70 -10.58 -7.32
CA ARG C 3 -26.34 -9.71 -6.22
C ARG C 3 -25.31 -10.45 -5.39
N VAL C 4 -24.31 -9.72 -4.90
CA VAL C 4 -23.33 -10.30 -3.98
C VAL C 4 -23.02 -9.32 -2.85
N ASP C 5 -22.88 -9.84 -1.63
CA ASP C 5 -22.45 -8.99 -0.53
C ASP C 5 -21.04 -8.49 -0.75
N VAL C 6 -20.79 -7.19 -0.51
CA VAL C 6 -19.47 -6.62 -0.62
C VAL C 6 -19.26 -5.76 0.61
N LEU C 7 -18.31 -6.14 1.47
CA LEU C 7 -18.12 -5.40 2.72
C LEU C 7 -19.45 -5.25 3.48
N ASP C 8 -19.94 -4.03 3.75
CA ASP C 8 -21.19 -3.83 4.51
C ASP C 8 -22.39 -3.49 3.63
N SER C 9 -22.32 -3.79 2.33
CA SER C 9 -23.42 -3.52 1.43
C SER C 9 -23.60 -4.72 0.51
N ALA C 10 -24.25 -4.50 -0.65
CA ALA C 10 -24.51 -5.58 -1.58
C ALA C 10 -24.58 -4.98 -2.98
N MET C 11 -23.86 -5.60 -3.90
CA MET C 11 -23.63 -5.10 -5.26
C MET C 11 -24.40 -5.97 -6.27
N SER C 12 -25.35 -5.37 -6.98
CA SER C 12 -26.05 -6.02 -8.09
C SER C 12 -25.23 -5.93 -9.37
N TYR C 13 -25.35 -6.95 -10.22
CA TYR C 13 -24.56 -6.90 -11.44
C TYR C 13 -25.22 -7.74 -12.52
N ILE C 14 -25.09 -7.28 -13.75
CA ILE C 14 -25.35 -8.10 -14.94
C ILE C 14 -24.29 -9.18 -15.06
N ASP C 15 -24.72 -10.39 -15.45
CA ASP C 15 -23.80 -11.51 -15.66
C ASP C 15 -24.42 -12.36 -16.76
N VAL C 16 -23.96 -12.16 -17.99
N VAL C 16 -23.96 -12.16 -17.99
CA VAL C 16 -24.51 -12.84 -19.16
CA VAL C 16 -24.51 -12.86 -19.15
C VAL C 16 -23.37 -13.33 -20.04
C VAL C 16 -23.37 -13.34 -20.05
N GLY C 17 -23.50 -14.55 -20.58
CA GLY C 17 -22.50 -15.06 -21.49
C GLY C 17 -21.51 -15.99 -20.80
N GLN C 18 -20.64 -16.57 -21.62
CA GLN C 18 -19.66 -17.54 -21.17
C GLN C 18 -18.25 -17.18 -21.64
N GLY C 19 -17.26 -17.62 -20.90
CA GLY C 19 -15.88 -17.44 -21.30
C GLY C 19 -15.13 -16.44 -20.44
N ASP C 20 -14.08 -15.90 -21.04
CA ASP C 20 -13.24 -14.97 -20.30
C ASP C 20 -14.02 -13.68 -20.06
N PRO C 21 -13.76 -12.99 -18.96
CA PRO C 21 -14.64 -11.90 -18.53
C PRO C 21 -14.38 -10.62 -19.29
N ILE C 22 -15.47 -9.89 -19.49
CA ILE C 22 -15.51 -8.54 -20.04
C ILE C 22 -16.33 -7.73 -19.06
N VAL C 23 -15.69 -6.76 -18.39
CA VAL C 23 -16.29 -6.10 -17.21
C VAL C 23 -16.59 -4.66 -17.59
N PHE C 24 -17.86 -4.27 -17.55
CA PHE C 24 -18.30 -2.93 -17.94
C PHE C 24 -18.49 -2.11 -16.68
N LEU C 25 -17.79 -0.98 -16.58
CA LEU C 25 -17.86 -0.13 -15.38
C LEU C 25 -18.36 1.25 -15.76
N HIS C 26 -19.55 1.58 -15.22
CA HIS C 26 -20.24 2.85 -15.38
C HIS C 26 -19.71 3.91 -14.41
N GLY C 27 -20.12 5.15 -14.65
CA GLY C 27 -19.81 6.24 -13.74
C GLY C 27 -21.04 7.02 -13.25
N ASN C 28 -20.87 8.36 -13.14
CA ASN C 28 -21.85 9.20 -12.46
C ASN C 28 -22.77 9.86 -13.47
N PRO C 29 -24.11 9.84 -13.30
CA PRO C 29 -24.94 9.15 -12.27
C PRO C 29 -25.62 7.90 -12.81
N THR C 30 -24.85 7.05 -13.49
CA THR C 30 -25.48 5.98 -14.27
C THR C 30 -25.41 4.64 -13.56
N SER C 31 -25.40 3.54 -14.30
CA SER C 31 -25.46 2.20 -13.75
C SER C 31 -25.14 1.25 -14.90
N SER C 32 -25.21 -0.06 -14.64
CA SER C 32 -25.05 -0.99 -15.76
C SER C 32 -26.06 -0.76 -16.86
N TYR C 33 -27.20 -0.09 -16.56
CA TYR C 33 -28.14 0.26 -17.63
C TYR C 33 -27.49 1.00 -18.79
N LEU C 34 -26.47 1.82 -18.52
CA LEU C 34 -25.83 2.57 -19.58
C LEU C 34 -25.24 1.67 -20.66
N TRP C 35 -24.90 0.43 -20.32
CA TRP C 35 -24.28 -0.53 -21.25
C TRP C 35 -25.30 -1.44 -21.92
N ARG C 36 -26.60 -1.23 -21.71
CA ARG C 36 -27.58 -2.24 -22.11
C ARG C 36 -27.59 -2.53 -23.60
N ASN C 37 -27.24 -1.55 -24.46
CA ASN C 37 -27.19 -1.78 -25.90
C ASN C 37 -25.81 -2.06 -26.41
N VAL C 38 -24.79 -2.02 -25.54
CA VAL C 38 -23.43 -2.40 -25.88
C VAL C 38 -23.20 -3.87 -25.63
N ILE C 39 -23.63 -4.34 -24.47
CA ILE C 39 -23.40 -5.70 -24.01
C ILE C 39 -23.88 -6.75 -25.03
N PRO C 40 -24.99 -6.56 -25.74
CA PRO C 40 -25.42 -7.59 -26.72
C PRO C 40 -24.41 -7.79 -27.82
N HIS C 41 -23.50 -6.84 -28.01
CA HIS C 41 -22.45 -7.02 -29.00
C HIS C 41 -21.27 -7.82 -28.47
N LEU C 42 -21.28 -8.17 -27.18
CA LEU C 42 -20.18 -8.94 -26.61
C LEU C 42 -20.64 -10.22 -25.94
N SER C 43 -21.95 -10.41 -25.74
CA SER C 43 -22.31 -11.49 -24.81
C SER C 43 -22.20 -12.89 -25.41
N ASP C 44 -21.95 -13.00 -26.71
CA ASP C 44 -21.67 -14.28 -27.32
C ASP C 44 -20.19 -14.52 -27.52
N VAL C 45 -19.33 -13.59 -27.11
CA VAL C 45 -17.89 -13.77 -27.24
C VAL C 45 -17.18 -13.65 -25.90
N GLY C 46 -17.92 -13.60 -24.81
CA GLY C 46 -17.27 -13.50 -23.52
C GLY C 46 -18.33 -13.44 -22.44
N ARG C 47 -17.86 -13.56 -21.19
CA ARG C 47 -18.77 -13.45 -20.04
C ARG C 47 -18.79 -11.96 -19.67
N CYS C 48 -19.91 -11.31 -19.91
CA CYS C 48 -20.10 -9.88 -19.70
C CYS C 48 -20.64 -9.68 -18.29
N LEU C 49 -19.95 -8.87 -17.49
CA LEU C 49 -20.33 -8.54 -16.14
C LEU C 49 -20.38 -7.04 -16.05
N ALA C 50 -21.46 -6.49 -15.49
CA ALA C 50 -21.60 -5.04 -15.36
C ALA C 50 -22.24 -4.74 -14.01
N PRO C 51 -21.44 -4.38 -13.01
CA PRO C 51 -21.96 -4.09 -11.67
C PRO C 51 -22.48 -2.67 -11.56
N ASP C 52 -23.45 -2.51 -10.68
CA ASP C 52 -23.90 -1.20 -10.25
C ASP C 52 -23.09 -0.84 -9.01
N LEU C 53 -22.43 0.30 -9.04
CA LEU C 53 -21.68 0.77 -7.88
C LEU C 53 -22.61 0.95 -6.70
N ILE C 54 -22.02 0.86 -5.50
CA ILE C 54 -22.79 1.02 -4.26
C ILE C 54 -23.41 2.41 -4.21
N GLY C 55 -24.67 2.45 -3.80
CA GLY C 55 -25.47 3.66 -3.82
C GLY C 55 -26.07 4.02 -5.17
N MET C 56 -25.89 3.18 -6.17
CA MET C 56 -26.25 3.52 -7.54
C MET C 56 -26.96 2.34 -8.20
N GLY C 57 -27.69 2.65 -9.26
CA GLY C 57 -28.46 1.60 -9.95
C GLY C 57 -29.32 0.79 -9.01
N ALA C 58 -29.22 -0.53 -9.09
CA ALA C 58 -30.03 -1.41 -8.26
C ALA C 58 -29.27 -1.92 -7.02
N SER C 59 -28.05 -1.43 -6.79
CA SER C 59 -27.26 -1.97 -5.69
C SER C 59 -27.74 -1.47 -4.33
N GLY C 60 -27.25 -2.09 -3.29
CA GLY C 60 -27.50 -1.58 -1.96
C GLY C 60 -26.71 -0.32 -1.76
N THR C 61 -26.91 0.31 -0.61
CA THR C 61 -26.31 1.59 -0.30
C THR C 61 -25.27 1.41 0.79
N SER C 62 -24.48 2.46 1.03
CA SER C 62 -23.49 2.44 2.08
C SER C 62 -24.13 2.83 3.41
N PRO C 63 -24.20 1.94 4.40
CA PRO C 63 -24.88 2.33 5.64
C PRO C 63 -24.18 3.44 6.40
N THR C 64 -22.88 3.67 6.13
CA THR C 64 -22.15 4.79 6.71
C THR C 64 -22.06 5.98 5.76
N PHE C 65 -22.77 5.93 4.64
CA PHE C 65 -22.76 7.00 3.65
C PHE C 65 -21.32 7.34 3.28
N SER C 66 -20.53 6.28 3.08
CA SER C 66 -19.12 6.37 2.68
C SER C 66 -19.05 6.24 1.17
N TYR C 67 -18.97 7.37 0.49
CA TYR C 67 -19.14 7.42 -0.96
C TYR C 67 -17.98 8.15 -1.64
N ARG C 68 -16.81 8.16 -1.00
CA ARG C 68 -15.62 8.71 -1.66
CA ARG C 68 -15.61 8.70 -1.64
C ARG C 68 -15.06 7.68 -2.63
N PHE C 69 -14.20 8.15 -3.57
CA PHE C 69 -13.59 7.23 -4.53
C PHE C 69 -12.93 6.06 -3.82
N ALA C 70 -12.27 6.30 -2.69
CA ALA C 70 -11.57 5.21 -2.03
C ALA C 70 -12.56 4.17 -1.48
N ASP C 71 -13.76 4.61 -1.12
CA ASP C 71 -14.78 3.68 -0.64
C ASP C 71 -15.30 2.84 -1.78
N HIS C 72 -15.50 3.46 -2.94
CA HIS C 72 -15.93 2.68 -4.09
C HIS C 72 -14.86 1.70 -4.54
N VAL C 73 -13.58 2.10 -4.47
CA VAL C 73 -12.49 1.17 -4.77
C VAL C 73 -12.62 -0.07 -3.91
N ARG C 74 -12.74 0.12 -2.60
CA ARG C 74 -12.92 -1.02 -1.70
C ARG C 74 -14.17 -1.85 -2.01
N TYR C 75 -15.33 -1.21 -2.23
CA TYR C 75 -16.53 -2.01 -2.50
C TYR C 75 -16.36 -2.84 -3.79
N LEU C 76 -15.86 -2.20 -4.85
CA LEU C 76 -15.66 -2.87 -6.13
C LEU C 76 -14.61 -3.97 -6.04
N ASP C 77 -13.52 -3.74 -5.30
CA ASP C 77 -12.52 -4.80 -5.10
C ASP C 77 -13.16 -6.03 -4.49
N ALA C 78 -14.04 -5.81 -3.48
CA ALA C 78 -14.70 -6.95 -2.86
C ALA C 78 -15.57 -7.69 -3.89
N TRP C 79 -16.13 -6.95 -4.86
CA TRP C 79 -16.91 -7.62 -5.91
C TRP C 79 -16.02 -8.47 -6.82
N PHE C 80 -14.94 -7.89 -7.33
CA PHE C 80 -13.96 -8.62 -8.14
C PHE C 80 -13.53 -9.91 -7.44
N GLU C 81 -13.29 -9.81 -6.12
CA GLU C 81 -12.79 -10.97 -5.40
C GLU C 81 -13.90 -12.00 -5.18
N ALA C 82 -15.11 -11.54 -4.86
CA ALA C 82 -16.18 -12.49 -4.51
C ALA C 82 -16.72 -13.21 -5.75
N VAL C 83 -16.83 -12.49 -6.88
CA VAL C 83 -17.24 -13.13 -8.13
C VAL C 83 -16.07 -13.87 -8.79
N GLY C 84 -14.83 -13.58 -8.42
CA GLY C 84 -13.69 -14.31 -8.93
C GLY C 84 -13.21 -13.85 -10.28
N ILE C 85 -13.31 -12.54 -10.54
CA ILE C 85 -13.00 -11.94 -11.83
C ILE C 85 -11.58 -11.41 -11.71
N THR C 86 -10.61 -12.33 -11.78
CA THR C 86 -9.21 -12.01 -11.47
C THR C 86 -8.26 -12.54 -12.54
N GLU C 87 -8.78 -12.97 -13.69
CA GLU C 87 -7.92 -13.50 -14.76
C GLU C 87 -8.48 -13.13 -16.13
N ASN C 88 -7.58 -12.72 -17.06
CA ASN C 88 -7.92 -12.47 -18.46
C ASN C 88 -9.08 -11.49 -18.60
N VAL C 89 -9.09 -10.46 -17.76
CA VAL C 89 -10.19 -9.48 -17.71
C VAL C 89 -10.01 -8.45 -18.80
N VAL C 90 -11.06 -8.22 -19.60
CA VAL C 90 -11.12 -7.04 -20.46
C VAL C 90 -12.01 -6.01 -19.76
N LEU C 91 -11.43 -4.86 -19.39
CA LEU C 91 -12.21 -3.77 -18.79
C LEU C 91 -12.77 -2.90 -19.90
N VAL C 92 -14.03 -2.45 -19.71
CA VAL C 92 -14.74 -1.57 -20.65
C VAL C 92 -15.32 -0.46 -19.79
N VAL C 93 -14.76 0.75 -19.86
CA VAL C 93 -14.93 1.68 -18.74
C VAL C 93 -15.22 3.07 -19.24
N HIS C 94 -15.87 3.85 -18.38
CA HIS C 94 -16.38 5.19 -18.70
C HIS C 94 -16.40 6.04 -17.44
N ASP C 95 -16.02 7.31 -17.55
CA ASP C 95 -16.21 8.28 -16.42
C ASP C 95 -15.60 7.70 -15.14
N TRP C 96 -16.28 7.78 -13.98
CA TRP C 96 -15.66 7.26 -12.77
C TRP C 96 -15.41 5.77 -12.87
N GLY C 97 -16.15 5.06 -13.75
CA GLY C 97 -15.80 3.65 -13.94
C GLY C 97 -14.42 3.45 -14.54
N SER C 98 -13.96 4.44 -15.32
CA SER C 98 -12.61 4.34 -15.83
C SER C 98 -11.59 4.57 -14.72
N ALA C 99 -11.89 5.50 -13.80
CA ALA C 99 -10.99 5.66 -12.67
C ALA C 99 -10.91 4.35 -11.89
N LEU C 100 -12.06 3.67 -11.68
CA LEU C 100 -12.04 2.43 -10.94
C LEU C 100 -11.28 1.33 -11.71
N GLY C 101 -11.53 1.23 -13.04
CA GLY C 101 -10.86 0.17 -13.78
C GLY C 101 -9.38 0.44 -13.92
N PHE C 102 -9.02 1.69 -14.20
CA PHE C 102 -7.61 2.08 -14.34
C PHE C 102 -6.88 1.79 -13.04
N TYR C 103 -7.53 2.13 -11.89
CA TYR C 103 -6.84 1.89 -10.62
C TYR C 103 -6.75 0.41 -10.34
N ARG C 104 -7.74 -0.37 -10.79
CA ARG C 104 -7.63 -1.81 -10.65
C ARG C 104 -6.45 -2.33 -11.46
N ALA C 105 -6.30 -1.83 -12.69
CA ALA C 105 -5.25 -2.34 -13.56
C ALA C 105 -3.88 -1.93 -13.05
N LEU C 106 -3.80 -0.77 -12.38
CA LEU C 106 -2.54 -0.32 -11.80
C LEU C 106 -2.06 -1.33 -10.78
N ARG C 107 -3.00 -1.88 -10.04
CA ARG C 107 -2.61 -2.71 -8.91
C ARG C 107 -2.52 -4.17 -9.30
N TYR C 108 -3.37 -4.62 -10.20
CA TYR C 108 -3.38 -6.03 -10.62
C TYR C 108 -3.17 -6.19 -12.12
N PRO C 109 -2.06 -5.69 -12.66
CA PRO C 109 -1.91 -5.68 -14.12
C PRO C 109 -1.88 -7.06 -14.73
N GLU C 110 -1.47 -8.07 -13.96
CA GLU C 110 -1.46 -9.45 -14.44
C GLU C 110 -2.86 -9.99 -14.69
N GLN C 111 -3.87 -9.43 -14.02
CA GLN C 111 -5.24 -9.88 -14.19
C GLN C 111 -5.88 -9.31 -15.44
N ILE C 112 -5.27 -8.29 -16.07
CA ILE C 112 -5.96 -7.50 -17.09
C ILE C 112 -5.45 -7.88 -18.49
N ALA C 113 -6.33 -8.44 -19.33
CA ALA C 113 -6.06 -8.74 -20.73
C ALA C 113 -6.21 -7.54 -21.66
N GLY C 114 -6.99 -6.51 -21.34
CA GLY C 114 -7.17 -5.39 -22.26
C GLY C 114 -8.06 -4.36 -21.60
N ILE C 115 -7.91 -3.12 -22.06
CA ILE C 115 -8.70 -2.02 -21.52
C ILE C 115 -9.29 -1.26 -22.68
N ALA C 116 -10.64 -1.23 -22.78
CA ALA C 116 -11.36 -0.29 -23.64
C ALA C 116 -11.93 0.85 -22.81
N TYR C 117 -11.66 2.09 -23.21
CA TYR C 117 -12.07 3.20 -22.37
C TYR C 117 -12.56 4.32 -23.25
N MET C 118 -13.44 5.14 -22.67
CA MET C 118 -14.15 6.20 -23.36
C MET C 118 -14.52 7.26 -22.34
N ASP C 119 -14.40 8.52 -22.77
CA ASP C 119 -14.62 9.71 -21.97
C ASP C 119 -14.29 9.44 -20.48
N ALA C 120 -13.01 9.22 -20.26
CA ALA C 120 -12.38 8.60 -19.11
C ALA C 120 -11.54 9.63 -18.36
N LEU C 121 -11.32 9.35 -17.06
CA LEU C 121 -10.35 10.15 -16.25
C LEU C 121 -8.95 9.57 -16.42
N VAL C 122 -8.18 10.15 -17.36
CA VAL C 122 -6.91 9.54 -17.75
C VAL C 122 -5.73 10.14 -16.96
N GLN C 123 -5.92 11.29 -16.33
CA GLN C 123 -4.93 11.95 -15.49
C GLN C 123 -5.67 12.97 -14.64
N PRO C 124 -5.04 13.55 -13.60
CA PRO C 124 -5.79 14.55 -12.82
C PRO C 124 -6.19 15.73 -13.70
N ARG C 125 -7.36 16.28 -13.43
CA ARG C 125 -7.89 17.30 -14.29
C ARG C 125 -7.39 18.70 -13.91
N THR C 126 -7.62 19.64 -14.84
CA THR C 126 -7.45 21.07 -14.65
C THR C 126 -8.77 21.72 -15.04
N TRP C 127 -9.05 22.92 -14.53
CA TRP C 127 -10.35 23.55 -14.77
C TRP C 127 -10.55 23.87 -16.25
N ALA C 128 -9.45 24.19 -16.95
CA ALA C 128 -9.57 24.51 -18.36
C ALA C 128 -10.13 23.32 -19.15
N GLY C 129 -9.77 22.09 -18.74
CA GLY C 129 -10.23 20.91 -19.47
C GLY C 129 -11.73 20.63 -19.31
N PHE C 130 -12.40 21.25 -18.33
CA PHE C 130 -13.84 21.08 -18.16
C PHE C 130 -14.64 21.82 -19.22
N THR C 131 -14.00 22.74 -19.95
CA THR C 131 -14.66 23.58 -20.94
C THR C 131 -16.08 23.98 -20.51
N ASP C 132 -17.14 23.56 -21.23
CA ASP C 132 -18.39 24.22 -20.86
C ASP C 132 -19.05 23.64 -19.61
N TYR C 133 -18.47 22.61 -19.03
CA TYR C 133 -18.88 22.09 -17.72
C TYR C 133 -18.25 22.84 -16.56
N GLU C 134 -17.39 23.83 -16.80
CA GLU C 134 -16.66 24.38 -15.65
C GLU C 134 -17.58 25.07 -14.67
N PRO C 135 -18.50 25.92 -15.09
CA PRO C 135 -19.35 26.59 -14.08
C PRO C 135 -20.10 25.59 -13.20
N LEU C 136 -20.78 24.63 -13.84
CA LEU C 136 -21.54 23.64 -13.08
C LEU C 136 -20.65 22.89 -12.08
N MET C 137 -19.53 22.33 -12.58
CA MET C 137 -18.70 21.50 -11.72
C MET C 137 -18.04 22.34 -10.62
N ARG C 138 -17.66 23.59 -10.94
CA ARG C 138 -17.18 24.45 -9.84
C ARG C 138 -18.25 24.67 -8.80
N ALA C 139 -19.48 24.90 -9.22
CA ALA C 139 -20.52 25.22 -8.25
C ALA C 139 -20.83 24.02 -7.38
N LEU C 140 -20.69 22.81 -7.96
CA LEU C 140 -21.05 21.64 -7.18
C LEU C 140 -20.07 21.43 -6.05
N ARG C 141 -18.85 21.95 -6.19
CA ARG C 141 -17.79 21.80 -5.22
C ARG C 141 -17.82 22.97 -4.23
N THR C 142 -18.89 23.75 -4.25
CA THR C 142 -19.13 24.75 -3.22
C THR C 142 -20.36 24.32 -2.41
N GLU C 143 -20.83 25.21 -1.55
CA GLU C 143 -21.94 24.85 -0.68
C GLU C 143 -23.29 24.85 -1.39
N GLN C 144 -23.36 25.31 -2.64
CA GLN C 144 -24.55 25.16 -3.48
C GLN C 144 -24.74 23.74 -4.01
N GLY C 145 -23.73 22.89 -3.85
CA GLY C 145 -23.81 21.56 -4.39
C GLY C 145 -24.88 20.73 -3.73
N GLU C 146 -25.16 21.00 -2.45
CA GLU C 146 -26.23 20.26 -1.77
C GLU C 146 -27.59 20.54 -2.41
N ARG C 147 -27.92 21.82 -2.63
N ARG C 147 -27.91 21.82 -2.64
CA ARG C 147 -29.18 22.08 -3.32
CA ARG C 147 -29.16 22.12 -3.32
C ARG C 147 -29.15 21.52 -4.73
C ARG C 147 -29.16 21.59 -4.75
N MET C 148 -28.06 21.75 -5.47
CA MET C 148 -28.05 21.35 -6.88
C MET C 148 -28.18 19.83 -7.05
N ALA C 149 -27.35 19.04 -6.38
CA ALA C 149 -27.40 17.60 -6.58
C ALA C 149 -28.50 16.93 -5.77
N LEU C 150 -28.68 17.34 -4.52
CA LEU C 150 -29.61 16.60 -3.68
C LEU C 150 -31.05 17.09 -3.79
N ALA C 151 -31.30 18.41 -3.68
CA ALA C 151 -32.68 18.84 -3.82
C ALA C 151 -33.15 18.84 -5.27
N GLU C 152 -32.25 19.13 -6.22
CA GLU C 152 -32.65 19.29 -7.62
C GLU C 152 -32.26 18.12 -8.49
N ASN C 153 -31.44 17.21 -7.98
CA ASN C 153 -30.99 16.03 -8.72
C ASN C 153 -30.41 16.42 -10.08
N VAL C 154 -29.52 17.41 -10.05
CA VAL C 154 -29.00 17.96 -11.31
C VAL C 154 -28.29 16.90 -12.16
N PHE C 155 -27.66 15.89 -11.56
CA PHE C 155 -26.94 14.96 -12.43
C PHE C 155 -27.89 14.16 -13.31
N VAL C 156 -28.99 13.66 -12.76
CA VAL C 156 -29.95 12.92 -13.58
C VAL C 156 -30.78 13.85 -14.44
N GLU C 157 -31.24 14.98 -13.88
CA GLU C 157 -32.25 15.74 -14.63
C GLU C 157 -31.65 16.65 -15.68
N LYS C 158 -30.45 17.18 -15.48
CA LYS C 158 -29.78 18.05 -16.43
C LYS C 158 -28.52 17.45 -17.07
N VAL C 159 -27.64 16.80 -16.32
CA VAL C 159 -26.39 16.40 -16.91
C VAL C 159 -26.60 15.23 -17.86
N VAL C 160 -27.45 14.28 -17.48
CA VAL C 160 -27.69 13.13 -18.37
C VAL C 160 -28.31 13.57 -19.69
N PRO C 161 -29.42 14.32 -19.72
CA PRO C 161 -29.91 14.80 -21.03
C PRO C 161 -28.93 15.68 -21.80
N GLY C 162 -28.19 16.56 -21.11
CA GLY C 162 -27.19 17.43 -21.72
C GLY C 162 -26.04 16.69 -22.35
N GLY C 163 -25.80 15.45 -21.92
CA GLY C 163 -24.71 14.63 -22.40
C GLY C 163 -25.15 13.55 -23.35
N VAL C 164 -26.38 13.63 -23.86
CA VAL C 164 -26.92 12.69 -24.85
C VAL C 164 -27.42 13.53 -26.02
N GLN C 165 -27.03 13.16 -27.26
CA GLN C 165 -27.43 13.94 -28.43
C GLN C 165 -28.90 13.69 -28.78
N ARG C 166 -29.29 12.43 -28.82
CA ARG C 166 -30.72 12.11 -28.96
C ARG C 166 -31.50 12.49 -27.70
N GLN C 167 -32.81 12.49 -27.81
CA GLN C 167 -33.65 12.63 -26.62
C GLN C 167 -33.90 11.24 -26.05
N LEU C 168 -33.57 11.04 -24.77
CA LEU C 168 -33.92 9.76 -24.16
C LEU C 168 -35.44 9.64 -24.03
N THR C 169 -35.93 8.42 -24.15
CA THR C 169 -37.36 8.19 -24.01
C THR C 169 -37.79 8.35 -22.56
N GLU C 170 -39.11 8.33 -22.35
CA GLU C 170 -39.51 8.48 -20.96
C GLU C 170 -39.25 7.20 -20.15
N GLU C 171 -39.24 6.00 -20.77
CA GLU C 171 -38.85 4.81 -19.99
C GLU C 171 -37.39 4.86 -19.60
N GLU C 172 -36.53 5.36 -20.52
CA GLU C 172 -35.10 5.42 -20.25
C GLU C 172 -34.79 6.39 -19.11
N MET C 173 -35.41 7.58 -19.14
CA MET C 173 -35.21 8.52 -18.04
C MET C 173 -35.82 7.98 -16.75
N ALA C 174 -36.96 7.26 -16.84
CA ALA C 174 -37.52 6.60 -15.66
C ALA C 174 -36.50 5.66 -15.02
N VAL C 175 -35.78 4.89 -15.84
CA VAL C 175 -34.79 3.98 -15.27
C VAL C 175 -33.70 4.78 -14.58
N TYR C 176 -33.18 5.82 -15.26
CA TYR C 176 -32.06 6.55 -14.67
C TYR C 176 -32.47 7.23 -13.37
N ARG C 177 -33.76 7.57 -13.24
CA ARG C 177 -34.28 8.19 -12.03
C ARG C 177 -34.49 7.17 -10.92
N THR C 178 -34.72 5.91 -11.26
CA THR C 178 -35.18 4.97 -10.24
C THR C 178 -34.30 4.90 -8.98
N PRO C 179 -32.96 4.94 -9.04
CA PRO C 179 -32.16 4.89 -7.79
C PRO C 179 -32.25 6.14 -6.94
N TYR C 180 -32.81 7.24 -7.44
CA TYR C 180 -32.66 8.56 -6.81
C TYR C 180 -34.02 9.22 -6.53
N PRO C 181 -34.91 8.55 -5.78
CA PRO C 181 -36.22 9.16 -5.49
C PRO C 181 -36.16 10.31 -4.50
N THR C 182 -35.17 10.34 -3.64
CA THR C 182 -35.15 11.31 -2.56
C THR C 182 -33.87 12.11 -2.59
N PRO C 183 -33.88 13.30 -1.98
CA PRO C 183 -32.60 14.03 -1.84
C PRO C 183 -31.53 13.22 -1.14
N GLN C 184 -31.89 12.49 -0.08
CA GLN C 184 -30.86 11.77 0.66
C GLN C 184 -30.33 10.54 -0.06
N SER C 185 -31.01 10.08 -1.14
CA SER C 185 -30.50 8.98 -1.98
C SER C 185 -29.52 9.46 -3.04
N ARG C 186 -29.36 10.77 -3.18
CA ARG C 186 -28.56 11.37 -4.24
C ARG C 186 -27.15 11.74 -3.79
N ILE C 187 -26.80 11.44 -2.54
CA ILE C 187 -25.45 11.74 -2.04
C ILE C 187 -24.32 11.18 -2.91
N PRO C 188 -24.40 9.98 -3.53
CA PRO C 188 -23.26 9.53 -4.35
C PRO C 188 -22.98 10.45 -5.52
N THR C 189 -24.02 11.06 -6.10
CA THR C 189 -23.78 11.90 -7.29
C THR C 189 -23.03 13.17 -6.91
N LEU C 190 -23.34 13.70 -5.71
CA LEU C 190 -22.62 14.87 -5.24
C LEU C 190 -21.19 14.53 -4.85
N LEU C 191 -20.99 13.39 -4.17
CA LEU C 191 -19.62 12.95 -3.89
C LEU C 191 -18.80 12.77 -5.16
N TRP C 192 -19.41 12.21 -6.21
CA TRP C 192 -18.62 12.02 -7.42
C TRP C 192 -18.18 13.34 -8.02
N ALA C 193 -19.04 14.39 -7.95
CA ALA C 193 -18.57 15.69 -8.43
C ALA C 193 -17.42 16.23 -7.56
N ARG C 194 -17.46 15.97 -6.24
CA ARG C 194 -16.47 16.56 -5.34
C ARG C 194 -15.17 15.75 -5.27
N GLU C 195 -15.16 14.49 -5.72
CA GLU C 195 -13.97 13.66 -5.68
C GLU C 195 -13.09 13.84 -6.91
N ILE C 196 -13.57 14.52 -7.95
CA ILE C 196 -12.71 14.63 -9.14
C ILE C 196 -11.44 15.33 -8.73
N PRO C 197 -10.27 14.82 -9.08
CA PRO C 197 -9.03 15.53 -8.75
C PRO C 197 -8.83 16.68 -9.73
N VAL C 198 -8.91 17.91 -9.23
CA VAL C 198 -8.78 19.08 -10.07
C VAL C 198 -7.75 19.99 -9.42
N GLU C 199 -6.67 20.25 -10.16
CA GLU C 199 -5.61 21.13 -9.73
C GLU C 199 -5.18 20.81 -8.29
N GLY C 200 -4.99 19.51 -8.04
CA GLY C 200 -4.40 19.01 -6.81
C GLY C 200 -5.36 18.53 -5.73
N GLU C 201 -6.67 18.83 -5.81
CA GLU C 201 -7.60 18.45 -4.72
C GLU C 201 -8.80 17.68 -5.25
N PRO C 202 -9.34 16.71 -4.48
CA PRO C 202 -8.78 16.21 -3.23
C PRO C 202 -7.46 15.48 -3.46
N ALA C 203 -6.52 15.73 -2.54
CA ALA C 203 -5.15 15.28 -2.77
C ALA C 203 -4.99 13.77 -2.80
N ASP C 204 -5.76 13.01 -2.01
CA ASP C 204 -5.65 11.56 -2.07
C ASP C 204 -6.09 10.99 -3.43
N VAL C 205 -7.22 11.46 -3.95
CA VAL C 205 -7.64 11.05 -5.28
C VAL C 205 -6.64 11.50 -6.33
N GLN C 206 -6.17 12.75 -6.23
CA GLN C 206 -5.14 13.19 -7.18
C GLN C 206 -3.97 12.22 -7.22
N ALA C 207 -3.49 11.77 -6.03
CA ALA C 207 -2.36 10.84 -6.04
C ALA C 207 -2.70 9.49 -6.65
N MET C 208 -3.91 8.98 -6.38
CA MET C 208 -4.28 7.69 -6.98
C MET C 208 -4.36 7.76 -8.50
N VAL C 209 -4.99 8.82 -9.02
CA VAL C 209 -5.13 8.99 -10.47
C VAL C 209 -3.79 9.26 -11.15
N GLN C 210 -2.94 10.08 -10.53
CA GLN C 210 -1.61 10.31 -11.06
C GLN C 210 -0.84 9.00 -11.10
N GLU C 211 -1.04 8.14 -10.09
CA GLU C 211 -0.31 6.89 -10.08
C GLU C 211 -0.73 6.01 -11.26
N TYR C 212 -2.06 5.87 -11.48
CA TYR C 212 -2.45 5.04 -12.61
C TYR C 212 -2.20 5.74 -13.95
N ALA C 213 -2.15 7.07 -14.00
CA ALA C 213 -1.77 7.72 -15.25
C ALA C 213 -0.33 7.40 -15.64
N ASP C 214 0.57 7.51 -14.66
CA ASP C 214 1.97 7.18 -14.92
C ASP C 214 2.13 5.72 -15.36
N PHE C 215 1.43 4.80 -14.69
CA PHE C 215 1.52 3.39 -15.04
C PHE C 215 0.99 3.12 -16.46
N LEU C 216 -0.19 3.66 -16.78
CA LEU C 216 -0.81 3.30 -18.05
C LEU C 216 -0.03 3.89 -19.22
N SER C 217 0.58 5.06 -19.02
CA SER C 217 1.39 5.67 -20.05
C SER C 217 2.59 4.81 -20.43
N ARG C 218 2.93 3.78 -19.64
CA ARG C 218 4.06 2.90 -19.97
C ARG C 218 3.66 1.43 -20.00
N SER C 219 2.38 1.14 -19.90
CA SER C 219 1.92 -0.24 -19.78
C SER C 219 1.69 -0.84 -21.14
N ASP C 220 2.10 -2.09 -21.29
CA ASP C 220 1.92 -2.83 -22.53
C ASP C 220 0.53 -3.46 -22.63
N ILE C 221 -0.32 -3.29 -21.61
CA ILE C 221 -1.68 -3.86 -21.70
C ILE C 221 -2.34 -3.33 -22.97
N PRO C 222 -2.90 -4.19 -23.82
CA PRO C 222 -3.62 -3.70 -25.01
C PRO C 222 -4.76 -2.77 -24.63
N LYS C 223 -4.89 -1.68 -25.41
CA LYS C 223 -5.88 -0.66 -25.15
C LYS C 223 -6.68 -0.30 -26.40
N LEU C 224 -7.95 0.05 -26.16
CA LEU C 224 -8.87 0.60 -27.14
C LEU C 224 -9.39 1.90 -26.56
N LEU C 225 -8.99 3.03 -27.18
CA LEU C 225 -9.54 4.35 -26.89
C LEU C 225 -10.69 4.62 -27.83
N ILE C 226 -11.89 4.75 -27.31
CA ILE C 226 -13.04 5.17 -28.12
C ILE C 226 -13.19 6.67 -27.87
N VAL C 227 -12.99 7.49 -28.91
CA VAL C 227 -13.12 8.94 -28.80
C VAL C 227 -14.53 9.32 -29.25
N ALA C 228 -15.31 9.90 -28.35
CA ALA C 228 -16.57 10.51 -28.77
C ALA C 228 -16.33 11.89 -29.41
N GLU C 229 -17.12 12.17 -30.43
CA GLU C 229 -17.06 13.47 -31.10
C GLU C 229 -18.44 14.10 -30.95
N PRO C 230 -18.60 15.20 -30.21
CA PRO C 230 -17.49 16.03 -29.68
C PRO C 230 -16.96 15.55 -28.34
N GLY C 231 -17.63 14.55 -27.72
CA GLY C 231 -17.13 14.09 -26.45
C GLY C 231 -17.30 15.14 -25.36
N ALA C 232 -16.64 14.88 -24.24
CA ALA C 232 -16.73 15.88 -23.17
C ALA C 232 -15.43 15.95 -22.39
N ILE C 233 -15.16 14.96 -21.53
CA ILE C 233 -13.87 14.95 -20.83
C ILE C 233 -12.72 14.82 -21.82
N LEU C 234 -12.82 13.89 -22.81
CA LEU C 234 -11.78 13.71 -23.81
C LEU C 234 -12.24 14.35 -25.11
N HIS C 235 -11.68 15.51 -25.44
CA HIS C 235 -12.21 16.29 -26.53
C HIS C 235 -11.05 16.83 -27.33
N GLU C 236 -11.30 17.05 -28.62
CA GLU C 236 -10.23 17.53 -29.49
C GLU C 236 -9.62 18.83 -28.95
N GLY C 237 -8.27 18.87 -28.95
CA GLY C 237 -7.52 20.01 -28.45
C GLY C 237 -7.26 19.92 -26.97
N GLY C 238 -7.90 19.00 -26.29
CA GLY C 238 -7.74 18.90 -24.86
C GLY C 238 -6.43 18.26 -24.46
N SER C 239 -5.87 18.73 -23.31
CA SER C 239 -4.70 18.07 -22.73
C SER C 239 -4.97 16.61 -22.39
N GLU C 240 -6.20 16.30 -21.97
CA GLU C 240 -6.47 14.95 -21.48
C GLU C 240 -6.53 13.96 -22.63
N LEU C 241 -7.30 14.27 -23.67
CA LEU C 241 -7.31 13.42 -24.87
C LEU C 241 -5.91 13.31 -25.49
N ASP C 242 -5.14 14.40 -25.50
CA ASP C 242 -3.79 14.28 -26.01
C ASP C 242 -2.96 13.29 -25.21
N PHE C 243 -3.05 13.39 -23.86
CA PHE C 243 -2.31 12.44 -23.06
C PHE C 243 -2.76 11.00 -23.32
N ALA C 244 -4.08 10.78 -23.40
CA ALA C 244 -4.60 9.43 -23.67
C ALA C 244 -4.05 8.89 -24.97
N ARG C 245 -3.96 9.74 -25.98
CA ARG C 245 -3.45 9.34 -27.29
C ARG C 245 -1.99 8.97 -27.28
N SER C 246 -1.25 9.33 -26.22
CA SER C 246 0.14 8.89 -26.09
C SER C 246 0.32 7.48 -25.57
N TRP C 247 -0.75 6.80 -25.11
CA TRP C 247 -0.52 5.56 -24.37
C TRP C 247 -0.10 4.43 -25.30
N PRO C 248 0.70 3.49 -24.83
CA PRO C 248 1.23 2.47 -25.74
C PRO C 248 0.25 1.34 -26.00
N ASN C 249 0.53 0.60 -27.08
CA ASN C 249 -0.25 -0.60 -27.47
C ASN C 249 -1.74 -0.29 -27.56
N GLN C 250 -2.05 0.76 -28.27
CA GLN C 250 -3.39 1.30 -28.27
C GLN C 250 -3.93 1.51 -29.68
N ARG C 251 -5.18 1.15 -29.87
CA ARG C 251 -5.92 1.49 -31.06
C ARG C 251 -6.96 2.53 -30.67
N GLU C 252 -7.41 3.26 -31.66
CA GLU C 252 -8.42 4.29 -31.49
C GLU C 252 -9.55 4.12 -32.52
N VAL C 253 -10.78 4.31 -32.02
CA VAL C 253 -11.95 4.44 -32.86
C VAL C 253 -12.75 5.66 -32.47
N LYS C 254 -13.23 6.40 -33.46
CA LYS C 254 -14.08 7.56 -33.18
C LYS C 254 -15.54 7.19 -33.40
N VAL C 255 -16.41 7.75 -32.56
CA VAL C 255 -17.85 7.54 -32.71
C VAL C 255 -18.55 8.85 -32.36
N ALA C 256 -19.81 8.95 -32.73
CA ALA C 256 -20.59 10.17 -32.42
C ALA C 256 -21.07 10.14 -30.97
N GLY C 257 -20.91 11.27 -30.28
CA GLY C 257 -21.48 11.37 -28.95
C GLY C 257 -20.91 12.52 -28.15
N ARG C 258 -21.67 12.87 -27.10
CA ARG C 258 -21.15 13.77 -26.05
C ARG C 258 -20.62 12.89 -24.92
N HIS C 259 -20.83 13.27 -23.65
CA HIS C 259 -20.27 12.49 -22.57
C HIS C 259 -20.86 11.09 -22.49
N PHE C 260 -22.19 10.98 -22.61
CA PHE C 260 -22.82 9.66 -22.45
C PHE C 260 -22.99 8.98 -23.81
N LEU C 261 -21.84 8.82 -24.45
CA LEU C 261 -21.77 8.35 -25.83
C LEU C 261 -22.44 7.01 -26.03
N GLN C 262 -22.59 6.21 -24.96
CA GLN C 262 -23.25 4.92 -25.12
C GLN C 262 -24.69 5.06 -25.55
N GLU C 263 -25.28 6.20 -25.26
CA GLU C 263 -26.68 6.39 -25.64
C GLU C 263 -26.85 6.76 -27.10
N ASP C 264 -25.80 7.31 -27.73
CA ASP C 264 -25.91 7.75 -29.12
C ASP C 264 -25.31 6.75 -30.10
N SER C 265 -24.22 6.05 -29.73
CA SER C 265 -23.52 5.17 -30.66
C SER C 265 -23.23 3.81 -30.04
N PRO C 266 -24.25 3.18 -29.39
CA PRO C 266 -23.98 1.89 -28.77
C PRO C 266 -23.52 0.82 -29.75
N ASP C 267 -24.07 0.83 -30.96
CA ASP C 267 -23.70 -0.24 -31.88
C ASP C 267 -22.26 -0.07 -32.35
N ALA C 268 -21.83 1.18 -32.61
CA ALA C 268 -20.46 1.40 -33.04
C ALA C 268 -19.47 1.11 -31.92
N ILE C 269 -19.85 1.45 -30.69
CA ILE C 269 -19.03 1.15 -29.54
C ILE C 269 -18.93 -0.36 -29.39
N GLY C 270 -20.07 -1.04 -29.55
CA GLY C 270 -20.09 -2.48 -29.40
C GLY C 270 -19.27 -3.20 -30.47
N ALA C 271 -19.33 -2.71 -31.71
CA ALA C 271 -18.52 -3.32 -32.77
C ALA C 271 -17.02 -3.11 -32.55
N ALA C 272 -16.63 -1.94 -32.01
CA ALA C 272 -15.22 -1.68 -31.73
C ALA C 272 -14.73 -2.57 -30.61
N VAL C 273 -15.52 -2.66 -29.51
CA VAL C 273 -15.07 -3.46 -28.37
C VAL C 273 -15.05 -4.94 -28.76
N ARG C 274 -15.99 -5.38 -29.60
CA ARG C 274 -16.00 -6.77 -30.03
C ARG C 274 -14.76 -7.12 -30.86
N ALA C 275 -14.41 -6.25 -31.81
CA ALA C 275 -13.21 -6.52 -32.59
C ALA C 275 -11.97 -6.56 -31.71
N PHE C 276 -11.89 -5.61 -30.76
CA PHE C 276 -10.78 -5.56 -29.83
C PHE C 276 -10.70 -6.81 -28.99
N VAL C 277 -11.84 -7.27 -28.45
CA VAL C 277 -11.85 -8.47 -27.61
C VAL C 277 -11.38 -9.68 -28.45
N LEU C 278 -11.94 -9.85 -29.64
CA LEU C 278 -11.50 -10.98 -30.44
C LEU C 278 -10.01 -10.91 -30.73
N ASP C 279 -9.50 -9.68 -30.99
CA ASP C 279 -8.07 -9.53 -31.28
C ASP C 279 -7.23 -9.87 -30.06
N VAL C 280 -7.67 -9.40 -28.88
CA VAL C 280 -6.98 -9.68 -27.62
C VAL C 280 -6.94 -11.19 -27.38
N ARG C 281 -8.05 -11.86 -27.64
CA ARG C 281 -8.08 -13.30 -27.38
C ARG C 281 -7.21 -14.06 -28.37
N GLU C 282 -6.94 -13.49 -29.56
CA GLU C 282 -6.08 -14.19 -30.52
C GLU C 282 -4.71 -14.48 -29.92
N ARG C 283 -4.15 -13.54 -29.16
CA ARG C 283 -2.80 -13.67 -28.68
C ARG C 283 -2.70 -14.46 -27.39
N GLN C 284 -3.82 -14.77 -26.75
CA GLN C 284 -3.81 -15.57 -25.53
C GLN C 284 -3.52 -17.03 -25.88
N MET D 1 -22.35 33.36 18.52
CA MET D 1 -21.24 32.42 18.62
C MET D 1 -20.06 32.86 17.78
N LYS D 2 -18.89 32.30 18.06
CA LYS D 2 -17.73 32.43 17.19
C LYS D 2 -17.75 31.29 16.17
N ARG D 3 -16.89 31.41 15.16
CA ARG D 3 -16.81 30.40 14.10
C ARG D 3 -15.39 30.37 13.57
N VAL D 4 -14.87 29.17 13.37
CA VAL D 4 -13.51 28.99 12.88
C VAL D 4 -13.48 27.87 11.84
N ASP D 5 -12.64 28.02 10.82
CA ASP D 5 -12.51 26.99 9.81
C ASP D 5 -11.81 25.76 10.38
N VAL D 6 -12.36 24.58 10.12
CA VAL D 6 -11.76 23.31 10.53
C VAL D 6 -11.76 22.41 9.31
N LEU D 7 -10.57 22.04 8.83
CA LEU D 7 -10.43 21.17 7.66
C LEU D 7 -11.25 21.78 6.52
N ASP D 8 -12.16 21.00 5.92
CA ASP D 8 -12.99 21.52 4.84
C ASP D 8 -14.35 22.08 5.27
N SER D 9 -14.55 22.36 6.56
CA SER D 9 -15.83 22.87 7.03
C SER D 9 -15.56 24.03 7.97
N ALA D 10 -16.52 24.31 8.85
CA ALA D 10 -16.36 25.39 9.81
C ALA D 10 -17.18 25.02 11.02
N MET D 11 -16.67 25.39 12.20
CA MET D 11 -17.28 25.02 13.46
C MET D 11 -17.62 26.29 14.21
N SER D 12 -18.92 26.46 14.48
CA SER D 12 -19.44 27.48 15.36
C SER D 12 -19.30 27.02 16.81
N TYR D 13 -19.10 27.97 17.72
CA TYR D 13 -18.89 27.65 19.13
C TYR D 13 -19.16 28.87 20.00
N ILE D 14 -19.93 28.66 21.06
CA ILE D 14 -20.03 29.63 22.14
C ILE D 14 -18.67 29.81 22.78
N ASP D 15 -18.32 31.05 23.13
CA ASP D 15 -17.03 31.39 23.74
C ASP D 15 -17.29 32.55 24.70
N VAL D 16 -17.47 32.25 25.98
CA VAL D 16 -17.68 33.30 26.96
C VAL D 16 -16.91 32.96 28.23
N GLY D 17 -16.41 33.98 28.90
CA GLY D 17 -15.57 33.80 30.08
C GLY D 17 -14.11 34.06 29.76
N GLN D 18 -13.29 34.04 30.81
CA GLN D 18 -11.89 34.43 30.70
C GLN D 18 -10.96 33.45 31.42
N GLY D 19 -9.70 33.44 31.03
CA GLY D 19 -8.68 32.78 31.83
C GLY D 19 -8.33 31.34 31.47
N ASP D 20 -9.23 30.41 31.78
CA ASP D 20 -8.95 28.99 31.65
C ASP D 20 -10.09 28.25 30.96
N PRO D 21 -9.78 27.19 30.19
CA PRO D 21 -10.80 26.60 29.31
C PRO D 21 -11.70 25.53 29.92
N ILE D 22 -13.01 25.72 29.78
CA ILE D 22 -14.03 24.71 30.06
C ILE D 22 -14.79 24.43 28.76
N VAL D 23 -14.68 23.22 28.24
CA VAL D 23 -15.22 22.83 26.93
C VAL D 23 -16.41 21.90 27.12
N PHE D 24 -17.62 22.38 26.79
CA PHE D 24 -18.85 21.57 26.75
C PHE D 24 -19.04 20.88 25.38
N LEU D 25 -19.18 19.54 25.38
CA LEU D 25 -19.31 18.75 24.15
C LEU D 25 -20.66 18.05 24.09
N HIS D 26 -21.54 18.52 23.22
CA HIS D 26 -22.87 17.98 23.05
C HIS D 26 -22.81 16.69 22.22
N GLY D 27 -23.94 16.01 22.11
CA GLY D 27 -24.00 14.85 21.23
C GLY D 27 -25.27 14.82 20.39
N ASN D 28 -25.77 13.60 20.13
CA ASN D 28 -26.79 13.37 19.12
C ASN D 28 -28.17 13.48 19.73
N PRO D 29 -29.08 14.31 19.17
CA PRO D 29 -28.89 15.17 18.00
C PRO D 29 -28.82 16.64 18.38
N THR D 30 -27.96 17.00 19.32
CA THR D 30 -28.14 18.29 19.99
C THR D 30 -27.14 19.33 19.46
N SER D 31 -26.87 20.35 20.26
CA SER D 31 -25.89 21.35 19.90
C SER D 31 -25.47 22.06 21.17
N SER D 32 -24.80 23.21 21.02
CA SER D 32 -24.47 24.03 22.17
C SER D 32 -25.72 24.49 22.92
N TYR D 33 -26.87 24.54 22.23
CA TYR D 33 -28.13 24.99 22.81
C TYR D 33 -28.55 24.17 24.01
N LEU D 34 -28.04 22.95 24.15
CA LEU D 34 -28.39 22.11 25.30
C LEU D 34 -27.67 22.53 26.57
N TRP D 35 -26.56 23.25 26.46
CA TRP D 35 -25.79 23.70 27.61
C TRP D 35 -26.14 25.11 28.05
N ARG D 36 -27.20 25.71 27.46
CA ARG D 36 -27.44 27.14 27.59
C ARG D 36 -27.80 27.55 29.01
N ASN D 37 -28.24 26.61 29.84
CA ASN D 37 -28.55 26.89 31.24
C ASN D 37 -27.59 26.17 32.18
N VAL D 38 -26.51 25.60 31.67
CA VAL D 38 -25.43 25.09 32.51
C VAL D 38 -24.24 26.04 32.51
N ILE D 39 -23.89 26.58 31.35
CA ILE D 39 -22.74 27.49 31.28
C ILE D 39 -22.93 28.76 32.09
N PRO D 40 -24.11 29.43 32.09
CA PRO D 40 -24.25 30.64 32.92
C PRO D 40 -23.93 30.39 34.37
N HIS D 41 -23.94 29.13 34.79
CA HIS D 41 -23.54 28.77 36.13
C HIS D 41 -22.03 28.58 36.25
N LEU D 42 -21.26 29.10 35.28
CA LEU D 42 -19.80 28.95 35.34
C LEU D 42 -18.99 29.85 34.39
N SER D 43 -19.63 30.81 33.74
CA SER D 43 -18.90 31.65 32.82
C SER D 43 -18.06 32.70 33.56
N ASP D 44 -17.75 32.47 34.84
CA ASP D 44 -16.84 33.34 35.59
C ASP D 44 -15.75 32.57 36.34
N VAL D 45 -15.58 31.29 36.08
CA VAL D 45 -14.46 30.50 36.61
C VAL D 45 -13.44 30.17 35.55
N GLY D 46 -13.72 30.48 34.30
CA GLY D 46 -12.86 30.10 33.21
C GLY D 46 -13.51 30.45 31.90
N ARG D 47 -12.72 30.30 30.84
CA ARG D 47 -13.21 30.47 29.49
C ARG D 47 -14.02 29.24 29.11
N CYS D 48 -15.30 29.43 28.87
CA CYS D 48 -16.21 28.34 28.53
C CYS D 48 -16.43 28.34 27.03
N LEU D 49 -16.18 27.17 26.42
CA LEU D 49 -16.32 26.98 24.97
C LEU D 49 -17.28 25.83 24.73
N ALA D 50 -18.32 26.08 23.95
CA ALA D 50 -19.31 25.06 23.58
C ALA D 50 -19.42 24.99 22.07
N PRO D 51 -18.72 24.07 21.42
CA PRO D 51 -18.81 24.00 19.96
C PRO D 51 -20.02 23.19 19.48
N ASP D 52 -20.35 23.38 18.21
CA ASP D 52 -21.29 22.52 17.51
C ASP D 52 -20.49 21.61 16.59
N LEU D 53 -20.68 20.30 16.74
CA LEU D 53 -19.97 19.40 15.85
C LEU D 53 -20.44 19.64 14.42
N ILE D 54 -19.58 19.28 13.47
CA ILE D 54 -19.89 19.48 12.05
C ILE D 54 -21.17 18.75 11.66
N GLY D 55 -22.01 19.42 10.87
CA GLY D 55 -23.32 18.95 10.44
C GLY D 55 -24.46 19.21 11.41
N MET D 56 -24.18 19.88 12.53
CA MET D 56 -25.13 19.99 13.63
C MET D 56 -25.18 21.43 14.12
N GLY D 57 -26.30 21.81 14.72
CA GLY D 57 -26.43 23.15 15.26
C GLY D 57 -26.28 24.20 14.18
N ALA D 58 -25.46 25.22 14.45
CA ALA D 58 -25.20 26.26 13.47
C ALA D 58 -23.89 26.03 12.73
N SER D 59 -23.18 24.93 13.02
CA SER D 59 -21.92 24.63 12.34
C SER D 59 -22.14 24.26 10.88
N GLY D 60 -21.07 24.43 10.11
CA GLY D 60 -21.04 23.95 8.74
C GLY D 60 -21.23 22.44 8.67
N THR D 61 -21.30 21.95 7.43
CA THR D 61 -21.42 20.53 7.17
C THR D 61 -20.14 19.95 6.58
N SER D 62 -20.12 18.61 6.46
CA SER D 62 -19.02 17.93 5.81
C SER D 62 -19.28 17.87 4.30
N PRO D 63 -18.44 18.48 3.48
CA PRO D 63 -18.71 18.46 2.04
C PRO D 63 -18.70 17.05 1.46
N THR D 64 -17.93 16.14 2.04
CA THR D 64 -17.87 14.73 1.64
C THR D 64 -18.81 13.83 2.43
N PHE D 65 -19.71 14.38 3.24
CA PHE D 65 -20.62 13.55 4.08
C PHE D 65 -19.81 12.51 4.84
N SER D 66 -18.72 12.99 5.43
CA SER D 66 -17.81 12.20 6.25
C SER D 66 -18.25 12.45 7.71
N TYR D 67 -19.07 11.53 8.24
CA TYR D 67 -19.79 11.76 9.49
C TYR D 67 -19.61 10.60 10.46
N ARG D 68 -18.57 9.83 10.29
CA ARG D 68 -18.27 8.78 11.25
C ARG D 68 -17.57 9.40 12.45
N PHE D 69 -17.33 8.57 13.48
CA PHE D 69 -16.70 9.09 14.70
C PHE D 69 -15.29 9.57 14.41
N ALA D 70 -14.52 8.84 13.60
CA ALA D 70 -13.15 9.23 13.28
C ALA D 70 -13.11 10.54 12.51
N ASP D 71 -14.12 10.80 11.66
CA ASP D 71 -14.21 12.10 11.00
C ASP D 71 -14.53 13.21 12.00
N HIS D 72 -15.39 12.94 12.98
CA HIS D 72 -15.70 13.99 13.94
C HIS D 72 -14.53 14.27 14.83
N VAL D 73 -13.73 13.22 15.10
CA VAL D 73 -12.49 13.37 15.84
C VAL D 73 -11.55 14.30 15.10
N ARG D 74 -11.35 14.06 13.79
CA ARG D 74 -10.46 14.95 13.01
C ARG D 74 -11.00 16.39 12.98
N TYR D 75 -12.33 16.57 12.87
CA TYR D 75 -12.88 17.93 12.80
C TYR D 75 -12.71 18.65 14.13
N LEU D 76 -13.11 18.00 15.22
CA LEU D 76 -12.94 18.59 16.53
C LEU D 76 -11.47 18.81 16.89
N ASP D 77 -10.56 17.92 16.51
CA ASP D 77 -9.14 18.20 16.74
C ASP D 77 -8.71 19.46 16.00
N ALA D 78 -9.17 19.62 14.75
CA ALA D 78 -8.89 20.87 14.04
C ALA D 78 -9.46 22.06 14.80
N TRP D 79 -10.60 21.87 15.47
CA TRP D 79 -11.13 22.95 16.30
C TRP D 79 -10.21 23.23 17.48
N PHE D 80 -9.83 22.17 18.20
CA PHE D 80 -8.96 22.31 19.35
C PHE D 80 -7.72 23.10 18.99
N GLU D 81 -7.08 22.72 17.88
CA GLU D 81 -5.82 23.39 17.58
C GLU D 81 -6.03 24.76 16.97
N ALA D 82 -7.11 24.96 16.20
CA ALA D 82 -7.37 26.28 15.62
C ALA D 82 -7.59 27.33 16.71
N VAL D 83 -8.57 27.10 17.61
CA VAL D 83 -8.78 28.01 18.74
C VAL D 83 -7.66 27.89 19.78
N GLY D 84 -6.74 26.94 19.61
CA GLY D 84 -5.62 26.81 20.52
C GLY D 84 -6.00 26.27 21.88
N ILE D 85 -7.17 25.64 21.99
CA ILE D 85 -7.67 25.17 23.28
C ILE D 85 -6.89 23.93 23.69
N THR D 86 -5.69 24.14 24.20
CA THR D 86 -4.95 23.13 24.94
C THR D 86 -4.60 23.67 26.33
N GLU D 87 -3.39 23.37 26.81
CA GLU D 87 -2.90 23.84 28.11
C GLU D 87 -3.54 23.12 29.29
N ASN D 88 -4.68 23.62 29.77
CA ASN D 88 -5.27 23.20 31.03
C ASN D 88 -6.81 23.17 30.89
N VAL D 89 -7.31 22.32 29.99
CA VAL D 89 -8.74 22.29 29.72
C VAL D 89 -9.40 21.28 30.66
N VAL D 90 -10.71 21.40 30.81
CA VAL D 90 -11.47 20.37 31.48
C VAL D 90 -12.73 20.09 30.67
N LEU D 91 -13.01 18.81 30.43
CA LEU D 91 -14.14 18.42 29.61
C LEU D 91 -15.43 18.45 30.42
N VAL D 92 -16.52 18.83 29.77
CA VAL D 92 -17.88 18.65 30.29
C VAL D 92 -18.66 18.00 29.15
N VAL D 93 -18.79 16.67 29.20
CA VAL D 93 -19.19 15.87 28.05
C VAL D 93 -20.48 15.10 28.33
N HIS D 94 -21.23 14.84 27.25
CA HIS D 94 -22.52 14.16 27.27
C HIS D 94 -22.65 13.37 25.98
N ASP D 95 -23.23 12.17 26.06
CA ASP D 95 -23.59 11.37 24.86
C ASP D 95 -22.31 11.15 24.02
N TRP D 96 -22.36 11.31 22.68
CA TRP D 96 -21.18 11.07 21.84
C TRP D 96 -20.05 12.06 22.11
N GLY D 97 -20.38 13.29 22.50
CA GLY D 97 -19.34 14.22 22.92
C GLY D 97 -18.47 13.62 24.00
N SER D 98 -19.09 12.85 24.91
CA SER D 98 -18.38 11.95 25.80
C SER D 98 -17.21 11.24 25.12
N ALA D 99 -17.51 10.39 24.13
CA ALA D 99 -16.45 9.72 23.37
C ALA D 99 -15.48 10.74 22.76
N LEU D 100 -16.01 11.85 22.26
CA LEU D 100 -15.13 12.83 21.64
C LEU D 100 -14.16 13.38 22.69
N GLY D 101 -14.65 13.56 23.92
CA GLY D 101 -13.76 13.99 24.99
C GLY D 101 -12.73 12.93 25.33
N PHE D 102 -13.18 11.68 25.49
CA PHE D 102 -12.34 10.72 26.19
C PHE D 102 -11.18 10.29 25.30
N TYR D 103 -11.47 10.03 24.03
CA TYR D 103 -10.42 9.77 23.06
C TYR D 103 -9.42 10.93 23.03
N ARG D 104 -9.93 12.16 23.05
CA ARG D 104 -9.04 13.31 23.13
C ARG D 104 -8.15 13.20 24.37
N ALA D 105 -8.78 12.90 25.51
CA ALA D 105 -8.03 12.81 26.76
C ALA D 105 -6.95 11.74 26.69
N LEU D 106 -7.13 10.73 25.84
CA LEU D 106 -6.10 9.69 25.72
C LEU D 106 -4.89 10.21 24.99
N ARG D 107 -5.10 11.00 23.94
CA ARG D 107 -3.99 11.35 23.06
C ARG D 107 -3.23 12.56 23.55
N TYR D 108 -3.85 13.42 24.34
CA TYR D 108 -3.19 14.60 24.91
C TYR D 108 -3.54 14.71 26.39
N PRO D 109 -3.04 13.76 27.20
CA PRO D 109 -3.32 13.86 28.65
C PRO D 109 -2.74 15.11 29.26
N GLU D 110 -1.50 15.47 28.91
CA GLU D 110 -0.85 16.69 29.40
C GLU D 110 -1.52 17.95 28.86
N GLN D 111 -2.85 17.91 28.71
CA GLN D 111 -3.61 19.04 28.20
C GLN D 111 -4.86 19.30 29.02
N ILE D 112 -5.17 18.45 29.99
CA ILE D 112 -6.45 18.50 30.67
C ILE D 112 -6.36 18.45 32.19
N ILE D 115 -12.35 16.08 34.03
CA ILE D 115 -13.46 15.61 33.20
C ILE D 115 -14.75 15.43 33.99
N ALA D 116 -15.77 16.23 33.68
CA ALA D 116 -17.14 15.95 34.09
C ALA D 116 -17.88 15.30 32.92
N TYR D 117 -18.67 14.27 33.21
CA TYR D 117 -19.40 13.55 32.17
C TYR D 117 -20.77 13.10 32.66
N MET D 118 -21.71 13.03 31.71
CA MET D 118 -23.07 12.60 32.00
C MET D 118 -23.62 11.76 30.85
N ASP D 119 -24.22 10.62 31.21
CA ASP D 119 -24.71 9.58 30.30
C ASP D 119 -23.80 9.44 29.09
N ALA D 120 -22.67 8.81 29.32
CA ALA D 120 -21.47 8.82 28.51
C ALA D 120 -21.20 7.43 27.96
N LEU D 121 -20.20 7.35 27.08
CA LEU D 121 -19.74 6.10 26.49
C LEU D 121 -18.39 5.77 27.12
N VAL D 122 -18.42 5.02 28.22
CA VAL D 122 -17.20 4.70 28.94
C VAL D 122 -16.45 3.50 28.38
N GLN D 123 -17.13 2.61 27.64
CA GLN D 123 -16.53 1.40 27.11
C GLN D 123 -17.44 0.85 26.01
N PRO D 124 -16.98 -0.13 25.25
CA PRO D 124 -17.86 -0.74 24.24
C PRO D 124 -19.19 -1.20 24.84
N ARG D 125 -20.26 -1.02 24.08
CA ARG D 125 -21.61 -1.25 24.57
C ARG D 125 -22.01 -2.72 24.42
N THR D 126 -23.06 -3.10 25.16
CA THR D 126 -23.81 -4.33 24.92
C THR D 126 -25.23 -3.93 24.53
N TRP D 127 -25.93 -4.82 23.80
CA TRP D 127 -27.30 -4.50 23.40
C TRP D 127 -28.21 -4.41 24.61
N ALA D 128 -28.01 -5.29 25.60
CA ALA D 128 -28.78 -5.23 26.83
C ALA D 128 -28.65 -3.86 27.49
N GLY D 129 -27.44 -3.28 27.47
CA GLY D 129 -27.21 -1.97 28.03
C GLY D 129 -28.16 -0.90 27.50
N PHE D 130 -28.69 -1.10 26.29
CA PHE D 130 -29.58 -0.09 25.71
C PHE D 130 -30.96 -0.11 26.35
N THR D 131 -31.34 -1.21 27.00
CA THR D 131 -32.62 -1.35 27.68
C THR D 131 -33.75 -0.73 26.88
N ASP D 132 -34.37 0.30 27.43
CA ASP D 132 -35.55 0.91 26.82
C ASP D 132 -35.33 1.29 25.35
N TYR D 133 -34.14 1.82 25.02
CA TYR D 133 -33.86 2.33 23.69
C TYR D 133 -33.39 1.25 22.72
N GLU D 134 -33.34 -0.02 23.14
CA GLU D 134 -32.68 -1.03 22.32
C GLU D 134 -33.45 -1.40 21.05
N PRO D 135 -34.79 -1.40 21.03
CA PRO D 135 -35.48 -1.70 19.77
C PRO D 135 -35.40 -0.56 18.75
N LEU D 136 -35.41 0.69 19.21
CA LEU D 136 -35.19 1.82 18.31
C LEU D 136 -33.80 1.74 17.71
N MET D 137 -32.79 1.59 18.55
CA MET D 137 -31.41 1.64 18.08
C MET D 137 -31.11 0.48 17.16
N ARG D 138 -31.51 -0.73 17.57
CA ARG D 138 -31.43 -1.89 16.69
C ARG D 138 -32.08 -1.62 15.34
N ALA D 139 -33.27 -0.99 15.35
CA ALA D 139 -33.92 -0.73 14.07
C ALA D 139 -33.15 0.30 13.26
N LEU D 140 -32.50 1.25 13.94
CA LEU D 140 -31.80 2.31 13.20
C LEU D 140 -30.56 1.77 12.52
N ARG D 141 -29.97 0.72 13.07
CA ARG D 141 -28.87 -0.04 12.51
C ARG D 141 -29.29 -0.99 11.39
N THR D 142 -30.54 -0.96 10.94
CA THR D 142 -30.96 -1.70 9.76
C THR D 142 -31.38 -0.73 8.65
N GLU D 143 -31.80 -1.28 7.52
CA GLU D 143 -32.28 -0.46 6.40
C GLU D 143 -33.48 0.41 6.76
N GLN D 144 -34.20 0.09 7.84
CA GLN D 144 -35.27 0.96 8.31
C GLN D 144 -34.73 2.31 8.81
N GLY D 145 -33.46 2.34 9.22
CA GLY D 145 -32.90 3.56 9.79
C GLY D 145 -32.99 4.77 8.89
N GLU D 146 -32.74 4.58 7.59
CA GLU D 146 -32.77 5.70 6.66
C GLU D 146 -34.15 6.34 6.66
N ARG D 147 -35.21 5.53 6.80
CA ARG D 147 -36.53 6.11 6.87
C ARG D 147 -36.77 6.79 8.21
N MET D 148 -36.25 6.21 9.29
CA MET D 148 -36.61 6.70 10.62
C MET D 148 -35.93 8.03 10.88
N ALA D 149 -34.65 8.12 10.54
CA ALA D 149 -33.84 9.27 10.93
C ALA D 149 -33.79 10.36 9.85
N LEU D 150 -33.98 10.01 8.57
CA LEU D 150 -33.92 11.03 7.53
C LEU D 150 -35.32 11.43 7.09
N ALA D 151 -36.12 10.48 6.63
CA ALA D 151 -37.48 10.83 6.24
C ALA D 151 -38.27 11.33 7.43
N GLU D 152 -38.11 10.68 8.58
CA GLU D 152 -38.96 10.97 9.73
C GLU D 152 -38.29 11.83 10.79
N ASN D 153 -36.96 11.91 10.75
CA ASN D 153 -36.19 12.71 11.72
C ASN D 153 -36.56 12.30 13.14
N VAL D 154 -36.39 11.01 13.42
CA VAL D 154 -36.81 10.48 14.70
C VAL D 154 -36.10 11.15 15.88
N PHE D 155 -34.82 11.53 15.71
CA PHE D 155 -34.06 11.93 16.88
C PHE D 155 -34.54 13.26 17.44
N VAL D 156 -34.93 14.20 16.57
CA VAL D 156 -35.41 15.50 17.00
C VAL D 156 -36.91 15.51 17.27
N GLU D 157 -37.71 14.84 16.44
CA GLU D 157 -39.16 14.92 16.61
C GLU D 157 -39.69 14.01 17.71
N LYS D 158 -38.95 12.94 18.06
CA LYS D 158 -39.44 11.95 19.02
C LYS D 158 -38.44 11.61 20.12
N VAL D 159 -37.15 11.49 19.81
CA VAL D 159 -36.20 11.05 20.82
C VAL D 159 -36.02 12.12 21.89
N VAL D 160 -35.75 13.37 21.49
CA VAL D 160 -35.41 14.39 22.48
C VAL D 160 -36.64 14.80 23.30
N PRO D 161 -37.88 14.83 22.77
CA PRO D 161 -39.01 15.03 23.69
C PRO D 161 -39.19 13.86 24.64
N GLY D 162 -38.93 12.64 24.18
CA GLY D 162 -38.94 11.47 25.03
C GLY D 162 -37.68 11.24 25.83
N GLY D 163 -36.77 12.21 25.83
CA GLY D 163 -35.61 12.14 26.69
C GLY D 163 -35.59 13.29 27.67
N VAL D 164 -36.66 14.08 27.69
CA VAL D 164 -36.88 15.19 28.61
C VAL D 164 -38.15 14.92 29.41
N GLN D 165 -38.20 15.47 30.63
CA GLN D 165 -39.36 15.27 31.48
C GLN D 165 -40.36 16.42 31.34
N ARG D 166 -39.89 17.66 31.40
CA ARG D 166 -40.79 18.79 31.19
C ARG D 166 -41.26 18.86 29.74
N GLN D 167 -42.43 19.44 29.55
CA GLN D 167 -42.92 19.79 28.23
C GLN D 167 -41.99 20.84 27.61
N LEU D 168 -41.49 20.58 26.41
CA LEU D 168 -40.65 21.56 25.74
C LEU D 168 -41.49 22.62 25.06
N THR D 169 -41.00 23.85 25.07
CA THR D 169 -41.68 24.97 24.43
C THR D 169 -41.59 24.85 22.91
N GLU D 170 -42.58 25.44 22.22
CA GLU D 170 -42.57 25.49 20.76
C GLU D 170 -41.26 26.05 20.24
N GLU D 171 -40.70 27.05 20.92
CA GLU D 171 -39.51 27.71 20.37
C GLU D 171 -38.25 26.90 20.64
N GLU D 172 -38.15 26.20 21.78
CA GLU D 172 -37.01 25.31 21.92
C GLU D 172 -37.12 24.13 20.95
N MET D 173 -38.33 23.68 20.64
CA MET D 173 -38.51 22.65 19.63
C MET D 173 -38.17 23.15 18.24
N ALA D 174 -38.51 24.42 17.95
CA ALA D 174 -38.18 25.00 16.66
C ALA D 174 -36.69 25.24 16.52
N VAL D 175 -36.02 25.55 17.63
CA VAL D 175 -34.57 25.68 17.64
C VAL D 175 -33.92 24.33 17.42
N TYR D 176 -34.46 23.28 18.04
CA TYR D 176 -33.87 21.95 17.96
C TYR D 176 -33.98 21.33 16.57
N ARG D 177 -35.04 21.65 15.83
CA ARG D 177 -35.19 21.15 14.48
C ARG D 177 -34.65 22.11 13.42
N THR D 178 -34.10 23.26 13.84
CA THR D 178 -33.57 24.23 12.88
C THR D 178 -32.43 23.67 12.02
N PRO D 179 -31.44 22.95 12.57
CA PRO D 179 -30.38 22.39 11.72
C PRO D 179 -30.84 21.27 10.81
N TYR D 180 -32.12 20.86 10.86
CA TYR D 180 -32.57 19.64 10.18
C TYR D 180 -33.84 19.86 9.37
N PRO D 181 -33.89 20.90 8.51
CA PRO D 181 -35.13 21.17 7.77
C PRO D 181 -35.44 20.16 6.66
N THR D 182 -34.52 19.27 6.28
CA THR D 182 -34.70 18.36 5.14
C THR D 182 -34.09 17.00 5.45
N PRO D 183 -34.58 15.92 4.80
CA PRO D 183 -33.98 14.59 5.06
C PRO D 183 -32.48 14.57 4.84
N GLN D 184 -32.00 15.23 3.77
CA GLN D 184 -30.58 15.16 3.45
C GLN D 184 -29.73 15.86 4.51
N SER D 185 -30.34 16.68 5.36
CA SER D 185 -29.63 17.36 6.42
C SER D 185 -29.49 16.52 7.69
N ARG D 186 -30.12 15.34 7.75
CA ARG D 186 -30.20 14.56 8.98
C ARG D 186 -29.22 13.39 9.02
N ILE D 187 -28.33 13.29 8.03
N ILE D 187 -28.32 13.29 8.05
CA ILE D 187 -27.37 12.19 8.00
CA ILE D 187 -27.39 12.16 8.01
C ILE D 187 -26.54 12.09 9.28
C ILE D 187 -26.52 12.08 9.26
N PRO D 188 -26.08 13.18 9.90
CA PRO D 188 -25.30 12.99 11.15
C PRO D 188 -26.06 12.20 12.22
N THR D 189 -27.37 12.43 12.35
CA THR D 189 -28.13 11.76 13.43
C THR D 189 -28.27 10.27 13.18
N LEU D 190 -28.20 9.83 11.92
CA LEU D 190 -28.17 8.39 11.64
C LEU D 190 -26.78 7.82 11.87
N LEU D 191 -25.74 8.54 11.45
CA LEU D 191 -24.40 8.00 11.58
C LEU D 191 -24.02 7.82 13.04
N TRP D 192 -24.42 8.76 13.88
CA TRP D 192 -24.20 8.61 15.31
C TRP D 192 -24.79 7.28 15.80
N ALA D 193 -26.03 6.99 15.40
CA ALA D 193 -26.65 5.75 15.86
C ALA D 193 -25.89 4.53 15.40
N ARG D 194 -25.26 4.59 14.20
CA ARG D 194 -24.64 3.39 13.68
C ARG D 194 -23.20 3.28 14.09
N GLU D 195 -22.63 4.35 14.66
CA GLU D 195 -21.22 4.32 15.02
C GLU D 195 -20.99 3.74 16.41
N ILE D 196 -22.02 3.66 17.24
CA ILE D 196 -21.87 3.14 18.60
C ILE D 196 -21.32 1.71 18.52
N PRO D 197 -20.23 1.42 19.20
CA PRO D 197 -19.57 0.12 19.07
C PRO D 197 -20.26 -0.93 19.95
N VAL D 198 -21.35 -1.49 19.44
CA VAL D 198 -22.14 -2.47 20.16
C VAL D 198 -21.66 -3.86 19.77
N GLU D 199 -21.26 -4.65 20.77
CA GLU D 199 -20.93 -6.07 20.59
C GLU D 199 -19.85 -6.31 19.56
N GLY D 200 -18.96 -5.33 19.33
CA GLY D 200 -17.80 -5.52 18.48
C GLY D 200 -17.80 -4.70 17.20
N GLU D 201 -18.90 -4.01 16.89
CA GLU D 201 -19.06 -3.41 15.58
C GLU D 201 -19.63 -2.02 15.74
N PRO D 202 -19.03 -1.00 15.05
CA PRO D 202 -17.85 -1.13 14.19
C PRO D 202 -16.57 -1.48 14.91
N ALA D 203 -15.65 -2.18 14.24
CA ALA D 203 -14.43 -2.62 14.92
C ALA D 203 -13.51 -1.44 15.24
N ASP D 204 -13.38 -0.47 14.32
CA ASP D 204 -12.42 0.61 14.55
C ASP D 204 -12.86 1.51 15.71
N VAL D 205 -14.15 1.87 15.75
CA VAL D 205 -14.62 2.71 16.85
C VAL D 205 -14.57 1.95 18.17
N GLN D 206 -14.73 0.64 18.14
CA GLN D 206 -14.61 -0.12 19.38
C GLN D 206 -13.16 -0.18 19.84
N ALA D 207 -12.23 -0.33 18.90
CA ALA D 207 -10.81 -0.28 19.25
C ALA D 207 -10.45 1.07 19.87
N MET D 208 -11.02 2.14 19.35
CA MET D 208 -10.73 3.46 19.93
C MET D 208 -11.37 3.61 21.30
N VAL D 209 -12.59 3.09 21.48
CA VAL D 209 -13.32 3.33 22.72
C VAL D 209 -12.75 2.47 23.85
N GLN D 210 -12.38 1.22 23.57
CA GLN D 210 -11.77 0.38 24.58
C GLN D 210 -10.26 0.56 24.67
N GLU D 211 -9.65 1.27 23.73
CA GLU D 211 -8.31 1.78 24.00
C GLU D 211 -8.35 2.89 25.04
N TYR D 212 -9.44 3.67 25.09
CA TYR D 212 -9.57 4.67 26.13
C TYR D 212 -10.28 4.17 27.36
N ALA D 213 -10.99 3.05 27.29
CA ALA D 213 -11.43 2.42 28.52
C ALA D 213 -10.24 1.94 29.34
N ASP D 214 -9.13 1.60 28.66
CA ASP D 214 -7.93 1.14 29.34
C ASP D 214 -6.95 2.26 29.68
N PHE D 215 -7.12 3.45 29.10
CA PHE D 215 -6.42 4.62 29.61
C PHE D 215 -7.21 5.32 30.71
N LEU D 216 -8.52 5.46 30.54
CA LEU D 216 -9.37 5.91 31.63
C LEU D 216 -9.28 4.96 32.82
N SER D 217 -8.79 3.74 32.60
CA SER D 217 -8.40 2.84 33.67
C SER D 217 -7.37 3.47 34.60
N ARG D 218 -6.36 4.12 34.04
CA ARG D 218 -5.12 4.47 34.74
C ARG D 218 -4.91 5.98 34.77
N SER D 219 -5.98 6.75 34.95
CA SER D 219 -5.91 8.20 34.77
C SER D 219 -6.39 8.89 36.04
N ASP D 220 -5.65 9.91 36.47
CA ASP D 220 -5.93 10.56 37.74
C ASP D 220 -6.47 11.97 37.59
N ILE D 221 -6.95 12.34 36.41
CA ILE D 221 -7.54 13.66 36.24
C ILE D 221 -8.80 13.76 37.09
N PRO D 222 -9.04 14.87 37.78
CA PRO D 222 -10.28 15.02 38.58
C PRO D 222 -11.53 14.83 37.74
N LYS D 223 -12.32 13.84 38.10
CA LYS D 223 -13.53 13.46 37.39
C LYS D 223 -14.77 13.79 38.22
N LEU D 224 -15.83 14.15 37.53
CA LEU D 224 -17.16 14.34 38.11
C LEU D 224 -18.19 13.62 37.25
N LEU D 225 -18.79 12.57 37.79
CA LEU D 225 -19.93 11.94 37.18
C LEU D 225 -21.22 12.57 37.70
N ILE D 226 -22.11 12.91 36.77
CA ILE D 226 -23.45 13.40 37.10
C ILE D 226 -24.45 12.38 36.55
N VAL D 227 -25.05 11.59 37.44
CA VAL D 227 -26.01 10.55 37.05
C VAL D 227 -27.39 11.18 36.98
N ALA D 228 -28.10 10.91 35.88
CA ALA D 228 -29.47 11.35 35.72
C ALA D 228 -30.42 10.25 36.15
N GLU D 229 -31.57 10.63 36.70
CA GLU D 229 -32.55 9.67 37.20
C GLU D 229 -33.94 10.00 36.65
N PRO D 230 -34.59 9.08 35.92
CA PRO D 230 -34.13 7.71 35.61
C PRO D 230 -32.83 7.62 34.77
N GLY D 231 -32.50 8.68 34.04
CA GLY D 231 -31.37 8.59 33.15
C GLY D 231 -31.71 7.72 31.95
N ALA D 232 -30.68 7.27 31.24
CA ALA D 232 -30.87 6.45 30.06
C ALA D 232 -29.67 5.53 29.83
N ILE D 233 -28.57 6.08 29.35
CA ILE D 233 -27.40 5.26 29.05
C ILE D 233 -26.71 4.82 30.36
N GLU D 236 -28.87 2.67 34.16
CA GLU D 236 -29.83 1.57 34.20
C GLU D 236 -29.41 0.50 35.23
N GLY D 237 -28.47 0.85 36.11
CA GLY D 237 -27.89 -0.15 36.98
C GLY D 237 -27.09 -1.19 36.22
N GLY D 238 -26.59 -0.85 35.03
CA GLY D 238 -25.96 -1.79 34.13
C GLY D 238 -24.47 -1.95 34.41
N SER D 239 -23.83 -2.73 33.54
CA SER D 239 -22.42 -3.08 33.72
C SER D 239 -21.47 -1.93 33.41
N GLU D 240 -21.91 -0.95 32.61
CA GLU D 240 -21.02 0.14 32.20
C GLU D 240 -20.84 1.17 33.32
N LEU D 241 -21.91 1.46 34.08
CA LEU D 241 -21.79 2.40 35.19
C LEU D 241 -20.89 1.87 36.28
N ASP D 242 -20.88 0.54 36.46
CA ASP D 242 -19.93 -0.06 37.37
C ASP D 242 -18.50 0.17 36.91
N PHE D 243 -18.26 0.09 35.59
CA PHE D 243 -16.94 0.37 35.07
C PHE D 243 -16.57 1.84 35.23
N ALA D 244 -17.56 2.72 35.05
CA ALA D 244 -17.34 4.15 35.22
C ALA D 244 -17.02 4.51 36.67
N ARG D 245 -17.53 3.73 37.62
CA ARG D 245 -17.19 3.94 39.01
C ARG D 245 -15.77 3.48 39.33
N SER D 246 -15.25 2.49 38.60
CA SER D 246 -13.93 1.92 38.86
C SER D 246 -12.78 2.81 38.42
N TRP D 247 -12.99 4.12 38.30
CA TRP D 247 -11.94 4.98 37.76
C TRP D 247 -11.42 5.95 38.81
N PRO D 248 -10.11 6.15 38.86
CA PRO D 248 -9.52 7.00 39.90
C PRO D 248 -10.08 8.42 39.89
N ASN D 249 -9.92 9.09 41.04
CA ASN D 249 -10.26 10.48 41.24
C ASN D 249 -11.62 10.87 40.65
N GLN D 250 -12.69 10.67 41.40
CA GLN D 250 -14.01 10.95 40.84
C GLN D 250 -14.98 11.30 41.96
N ARG D 251 -15.74 12.38 41.78
CA ARG D 251 -16.87 12.66 42.64
C ARG D 251 -17.95 11.63 42.36
N GLU D 252 -19.20 12.07 42.29
CA GLU D 252 -20.38 11.32 41.84
C GLU D 252 -21.62 12.03 42.36
N VAL D 253 -22.67 12.08 41.57
CA VAL D 253 -23.85 12.85 41.95
C VAL D 253 -25.00 12.47 41.02
N LYS D 254 -26.19 12.44 41.59
CA LYS D 254 -27.39 12.03 40.86
C LYS D 254 -28.37 13.19 40.84
N VAL D 255 -29.09 13.32 39.73
CA VAL D 255 -29.89 14.50 39.43
C VAL D 255 -31.07 14.07 38.55
N ALA D 256 -32.21 14.75 38.70
CA ALA D 256 -33.41 14.38 37.96
C ALA D 256 -33.25 14.56 36.44
N GLY D 257 -33.80 13.62 35.69
CA GLY D 257 -33.84 13.68 34.24
C GLY D 257 -33.55 12.31 33.64
N ARG D 258 -33.84 12.17 32.35
CA ARG D 258 -33.40 10.95 31.68
C ARG D 258 -32.17 11.27 30.84
N HIS D 259 -32.20 11.03 29.53
CA HIS D 259 -30.95 11.17 28.77
C HIS D 259 -30.55 12.62 28.65
N PHE D 260 -31.49 13.51 28.29
CA PHE D 260 -31.15 14.92 28.07
C PHE D 260 -31.35 15.71 29.38
N LEU D 261 -30.49 15.39 30.35
CA LEU D 261 -30.70 15.79 31.74
C LEU D 261 -30.56 17.29 31.96
N GLN D 262 -29.83 17.99 31.06
CA GLN D 262 -29.60 19.41 31.20
C GLN D 262 -30.84 20.25 30.87
N GLU D 263 -31.91 19.64 30.34
CA GLU D 263 -33.10 20.42 30.03
C GLU D 263 -34.10 20.46 31.17
N ASP D 264 -34.03 19.53 32.11
CA ASP D 264 -34.90 19.58 33.28
C ASP D 264 -34.18 20.01 34.53
N SER D 265 -32.91 19.64 34.70
CA SER D 265 -32.14 19.99 35.89
C SER D 265 -30.85 20.74 35.53
N PRO D 266 -30.95 21.83 34.78
CA PRO D 266 -29.70 22.48 34.33
C PRO D 266 -28.95 23.18 35.45
N ASP D 267 -29.66 23.76 36.44
CA ASP D 267 -28.96 24.51 37.47
C ASP D 267 -28.27 23.60 38.48
N ALA D 268 -28.86 22.45 38.80
CA ALA D 268 -28.15 21.46 39.60
C ALA D 268 -26.87 21.02 38.91
N ILE D 269 -26.95 20.72 37.60
CA ILE D 269 -25.76 20.42 36.80
C ILE D 269 -24.76 21.57 36.86
N GLY D 270 -25.24 22.79 36.65
CA GLY D 270 -24.35 23.94 36.60
C GLY D 270 -23.62 24.16 37.91
N ALA D 271 -24.34 24.08 39.03
CA ALA D 271 -23.72 24.21 40.35
C ALA D 271 -22.77 23.05 40.63
N ALA D 272 -23.18 21.83 40.29
CA ALA D 272 -22.36 20.65 40.59
C ALA D 272 -21.02 20.72 39.87
N VAL D 273 -21.04 20.97 38.56
CA VAL D 273 -19.79 21.13 37.84
C VAL D 273 -19.08 22.43 38.25
N ARG D 274 -19.81 23.46 38.68
CA ARG D 274 -19.19 24.69 39.17
C ARG D 274 -18.29 24.43 40.36
N ALA D 275 -18.81 23.76 41.39
CA ALA D 275 -17.98 23.47 42.55
C ALA D 275 -16.83 22.53 42.19
N PHE D 276 -16.94 21.84 41.07
CA PHE D 276 -15.91 20.90 40.64
C PHE D 276 -14.77 21.58 39.86
N VAL D 277 -15.06 22.63 39.08
CA VAL D 277 -13.99 23.37 38.43
C VAL D 277 -13.26 24.25 39.44
N LEU D 278 -13.98 24.85 40.39
CA LEU D 278 -13.32 25.61 41.43
C LEU D 278 -12.41 24.72 42.26
N ASP D 279 -12.84 23.48 42.46
CA ASP D 279 -11.99 22.49 43.14
C ASP D 279 -10.76 22.18 42.30
N VAL D 280 -10.90 22.04 40.99
CA VAL D 280 -9.70 21.73 40.21
C VAL D 280 -8.86 22.98 39.97
N ARG D 281 -9.47 24.17 39.85
CA ARG D 281 -8.71 25.41 39.76
C ARG D 281 -8.61 26.08 41.13
#